data_7ML5
#
_entry.id   7ML5
#
_cell.length_a   47.670
_cell.length_b   80.107
_cell.length_c   182.716
_cell.angle_alpha   90.000
_cell.angle_beta   90.000
_cell.angle_gamma   90.000
#
_symmetry.space_group_name_H-M   'P 21 21 21'
#
loop_
_entity.id
_entity.type
_entity.pdbx_description
1 polymer 'Isoform 2 of 1,4-alpha-glucan-branching enzyme, chloroplastic/amyloplastic'
2 branched alpha-D-glucopyranose-(1-4)-alpha-D-glucopyranose-(1-4)-alpha-D-glucopyranose-(1-4)-alpha-D-glucopyranose-(1-4)-alpha-D-glucopyranose-(1-4)-alpha-D-glucopyranose-(1-4)-alpha-D-glucopyranose-(1-4)-alpha-D-glucopyranose-(1-4)-alpha-D-glucopyranose-(1-4)-alpha-D-glucopyranose-(1-4)-alpha-D-glucopyranose-(1-4)-alpha-D-glucopyranose
3 branched alpha-D-glucopyranose-(1-4)-alpha-D-glucopyranose-(1-4)-alpha-D-glucopyranose-(1-4)-alpha-D-glucopyranose
4 water water
#
_entity_poly.entity_id   1
_entity_poly.type   'polypeptide(L)'
_entity_poly.pdbx_seq_one_letter_code
;VTVVEEVDHLPIYDLDPKLEEFKDHFNYRIKRYLDQKCMIEKHEGGLEEFSKGYLKFGINTVDGATIYREWAPAAQEAQL
IGEFNNWNGAKHKMEKDKFGIWSIKISHVNGKPAIPHNSKVKFRFRHGGGAWVDRIPAWIRYATFDASKFGAPYDGVHWD
PPACERYVFKHPRPPKPDAPRIYEAHVGMSGEEPEVSTYREFADNVLPRIRANNYNTVQLMAIMEHSYYASFGYHVTNFF
AVSSRSGTPEDLKYLVDKAHSLGLRVLMDVVHSHASNNMTDGLNGYDVGQNTHESYFHTGDRGYHKLWDSRLFNYANWEV
LRFLLSNLRYWMDEFMFDGFRFDGVTSMLYHHHGINKGFTGNYKEYFSLDTDVDAIVYMMLANHLMHKLLPEATIVAEDV
SGMPVLCRPVDEGGVGFDFRLAMAIPDRWIDYLKNKEDRKWPMSEIVQTLTNRRYTEKCIAYAESHDQSIVGDKTIAFLL
MDKEMYTGMSDLQPASPTINRGIALQKMIHFITMALGGDGYLNFMGNEFGHPEWIDFPREGNNWSYDKCRRQWSLVDTDH
LRYKYMNAFDQAMNALEEEFSFLSSSKQIVSDMNEKDKVIVFERGDLVFVFNFHPNKTYKGYKVGCDLPGKYRVALDSDA
LVFGGHGRVGHDVDHFTSPEGMPGVPEANFNNRPNSFKVLSPPRTCVAYYRVDEDREELRR
;
_entity_poly.pdbx_strand_id   A
#
loop_
_chem_comp.id
_chem_comp.type
_chem_comp.name
_chem_comp.formula
GLC D-saccharide, alpha linking alpha-D-glucopyranose 'C6 H12 O6'
#
# COMPACT_ATOMS: atom_id res chain seq x y z
N ASP A 8 -31.74 -11.58 -4.72
CA ASP A 8 -32.78 -11.74 -3.72
C ASP A 8 -32.17 -11.87 -2.32
N HIS A 9 -31.39 -12.92 -2.10
CA HIS A 9 -30.71 -13.14 -0.83
C HIS A 9 -29.22 -13.31 -1.09
N LEU A 10 -28.41 -12.58 -0.32
CA LEU A 10 -26.96 -12.61 -0.45
C LEU A 10 -26.33 -13.29 0.75
N PRO A 11 -25.22 -14.02 0.55
CA PRO A 11 -24.56 -14.68 1.70
C PRO A 11 -24.08 -13.72 2.77
N ILE A 12 -23.75 -12.47 2.40
CA ILE A 12 -23.30 -11.51 3.40
C ILE A 12 -24.36 -11.29 4.47
N TYR A 13 -25.64 -11.41 4.10
CA TYR A 13 -26.71 -11.28 5.08
C TYR A 13 -26.57 -12.27 6.22
N ASP A 14 -26.02 -13.46 5.94
CA ASP A 14 -25.79 -14.44 7.00
C ASP A 14 -24.58 -14.08 7.85
N LEU A 15 -23.60 -13.39 7.26
CA LEU A 15 -22.45 -12.94 8.04
C LEU A 15 -22.83 -11.79 8.97
N ASP A 16 -23.78 -10.95 8.56
CA ASP A 16 -24.13 -9.74 9.28
C ASP A 16 -25.63 -9.49 9.06
N PRO A 17 -26.48 -9.88 10.02
CA PRO A 17 -27.92 -9.66 9.84
C PRO A 17 -28.28 -8.20 9.65
N LYS A 18 -27.60 -7.28 10.35
CA LYS A 18 -27.85 -5.85 10.22
C LYS A 18 -27.81 -5.36 8.77
N LEU A 19 -27.31 -6.17 7.83
CA LEU A 19 -27.21 -5.75 6.45
C LEU A 19 -28.53 -5.88 5.70
N GLU A 20 -29.40 -6.80 6.12
CA GLU A 20 -30.65 -6.99 5.39
C GLU A 20 -31.54 -5.75 5.45
N GLU A 21 -31.37 -4.94 6.51
CA GLU A 21 -32.06 -3.66 6.58
C GLU A 21 -31.86 -2.82 5.33
N PHE A 22 -30.75 -3.02 4.63
CA PHE A 22 -30.41 -2.24 3.44
C PHE A 22 -30.44 -3.09 2.18
N LYS A 23 -31.19 -4.20 2.19
CA LYS A 23 -31.34 -5.05 1.02
C LYS A 23 -31.51 -4.24 -0.26
N ASP A 24 -32.48 -3.33 -0.27
CA ASP A 24 -32.72 -2.42 -1.39
C ASP A 24 -31.41 -1.93 -1.99
N HIS A 25 -30.64 -1.19 -1.19
CA HIS A 25 -29.33 -0.71 -1.64
C HIS A 25 -28.55 -1.83 -2.31
N PHE A 26 -28.24 -2.87 -1.54
CA PHE A 26 -27.46 -3.98 -2.07
C PHE A 26 -28.09 -4.53 -3.34
N ASN A 27 -29.41 -4.70 -3.32
CA ASN A 27 -30.15 -5.15 -4.50
C ASN A 27 -29.68 -4.34 -5.70
N TYR A 28 -29.96 -3.04 -5.66
CA TYR A 28 -29.56 -2.17 -6.77
C TYR A 28 -28.10 -2.41 -7.10
N ARG A 29 -27.24 -2.33 -6.09
CA ARG A 29 -25.81 -2.49 -6.31
C ARG A 29 -25.52 -3.76 -7.10
N ILE A 30 -25.99 -4.90 -6.57
CA ILE A 30 -25.70 -6.17 -7.23
C ILE A 30 -26.24 -6.17 -8.65
N LYS A 31 -27.46 -5.65 -8.83
CA LYS A 31 -28.02 -5.53 -10.16
C LYS A 31 -27.04 -4.78 -11.06
N ARG A 32 -26.63 -3.58 -10.64
CA ARG A 32 -25.72 -2.78 -11.44
C ARG A 32 -24.45 -3.55 -11.76
N TYR A 33 -23.99 -4.38 -10.82
CA TYR A 33 -22.83 -5.21 -11.10
C TYR A 33 -23.16 -6.22 -12.19
N LEU A 34 -24.19 -7.04 -11.96
CA LEU A 34 -24.46 -8.16 -12.84
C LEU A 34 -24.78 -7.70 -14.25
N ASP A 35 -25.44 -6.56 -14.38
CA ASP A 35 -25.69 -5.98 -15.70
C ASP A 35 -24.38 -5.64 -16.38
N GLN A 36 -23.52 -4.87 -15.71
CA GLN A 36 -22.31 -4.37 -16.35
C GLN A 36 -21.44 -5.53 -16.84
N LYS A 37 -21.10 -6.44 -15.92
CA LYS A 37 -20.42 -7.68 -16.28
C LYS A 37 -21.07 -8.32 -17.50
N CYS A 38 -22.39 -8.47 -17.45
CA CYS A 38 -23.11 -9.10 -18.57
C CYS A 38 -22.81 -8.37 -19.86
N MET A 39 -22.92 -7.03 -19.86
CA MET A 39 -22.62 -6.26 -21.05
C MET A 39 -21.20 -6.57 -21.53
N ILE A 40 -20.24 -6.58 -20.60
CA ILE A 40 -18.85 -6.85 -20.97
C ILE A 40 -18.73 -8.24 -21.58
N GLU A 41 -19.52 -9.20 -21.08
CA GLU A 41 -19.46 -10.54 -21.64
C GLU A 41 -20.16 -10.61 -22.99
N LYS A 42 -21.14 -9.73 -23.23
CA LYS A 42 -21.88 -9.82 -24.48
C LYS A 42 -21.14 -9.16 -25.63
N HIS A 43 -20.44 -8.05 -25.37
CA HIS A 43 -19.85 -7.26 -26.43
C HIS A 43 -18.32 -7.22 -26.40
N GLU A 44 -17.69 -7.79 -25.38
CA GLU A 44 -16.23 -7.81 -25.32
C GLU A 44 -15.65 -9.19 -25.04
N GLY A 45 -16.48 -10.21 -24.84
CA GLY A 45 -15.98 -11.55 -24.61
C GLY A 45 -15.61 -11.86 -23.18
N GLY A 46 -16.06 -11.07 -22.22
CA GLY A 46 -15.77 -11.31 -20.82
C GLY A 46 -14.72 -10.38 -20.26
N LEU A 47 -14.63 -10.36 -18.93
CA LEU A 47 -13.71 -9.46 -18.24
C LEU A 47 -12.25 -9.74 -18.61
N GLU A 48 -11.89 -11.02 -18.74
CA GLU A 48 -10.51 -11.38 -19.02
C GLU A 48 -10.07 -10.83 -20.38
N GLU A 49 -10.95 -10.88 -21.37
CA GLU A 49 -10.63 -10.31 -22.68
C GLU A 49 -10.70 -8.79 -22.66
N PHE A 50 -11.70 -8.24 -21.95
CA PHE A 50 -11.83 -6.79 -21.81
C PHE A 50 -10.56 -6.18 -21.24
N SER A 51 -9.92 -6.85 -20.28
CA SER A 51 -8.73 -6.33 -19.62
C SER A 51 -7.46 -6.48 -20.44
N LYS A 52 -7.55 -7.01 -21.66
CA LYS A 52 -6.41 -7.07 -22.57
C LYS A 52 -6.34 -5.83 -23.47
N GLY A 53 -6.95 -4.72 -23.06
CA GLY A 53 -7.06 -3.54 -23.90
C GLY A 53 -5.73 -2.88 -24.21
N TYR A 54 -4.71 -3.08 -23.38
CA TYR A 54 -3.40 -2.50 -23.68
C TYR A 54 -2.72 -3.17 -24.87
N LEU A 55 -3.28 -4.28 -25.37
CA LEU A 55 -2.81 -4.87 -26.61
C LEU A 55 -3.47 -4.27 -27.84
N LYS A 56 -4.57 -3.54 -27.66
CA LYS A 56 -5.25 -2.84 -28.74
C LYS A 56 -5.06 -1.34 -28.70
N PHE A 57 -5.02 -0.74 -27.51
CA PHE A 57 -4.90 0.69 -27.37
C PHE A 57 -3.45 1.09 -27.16
N GLY A 58 -3.15 2.35 -27.46
CA GLY A 58 -1.77 2.78 -27.49
C GLY A 58 -1.10 2.34 -28.78
N ILE A 59 0.20 2.09 -28.70
CA ILE A 59 1.03 1.71 -29.83
C ILE A 59 1.42 0.24 -29.66
N ASN A 60 1.02 -0.60 -30.61
CA ASN A 60 1.30 -2.03 -30.56
C ASN A 60 1.80 -2.51 -31.91
N THR A 61 2.91 -3.23 -31.91
CA THR A 61 3.50 -3.75 -33.14
C THR A 61 2.92 -5.12 -33.46
N VAL A 62 2.46 -5.29 -34.70
CA VAL A 62 2.05 -6.60 -35.19
C VAL A 62 3.00 -7.01 -36.32
N ASP A 63 2.63 -8.04 -37.08
CA ASP A 63 3.46 -8.52 -38.17
C ASP A 63 3.39 -7.54 -39.34
N GLY A 64 4.47 -6.80 -39.57
CA GLY A 64 4.59 -5.94 -40.71
C GLY A 64 4.03 -4.55 -40.55
N ALA A 65 3.43 -4.22 -39.41
CA ALA A 65 2.84 -2.90 -39.22
C ALA A 65 2.74 -2.59 -37.73
N THR A 66 2.38 -1.34 -37.45
CA THR A 66 2.18 -0.84 -36.10
C THR A 66 0.80 -0.22 -36.01
N ILE A 67 0.03 -0.59 -35.01
CA ILE A 67 -1.32 -0.07 -34.80
C ILE A 67 -1.26 0.93 -33.65
N TYR A 68 -1.83 2.12 -33.86
CA TYR A 68 -1.98 3.11 -32.80
C TYR A 68 -3.45 3.43 -32.64
N ARG A 69 -3.97 3.25 -31.43
CA ARG A 69 -5.34 3.55 -31.08
C ARG A 69 -5.40 4.50 -29.90
N GLU A 70 -6.35 5.44 -29.94
CA GLU A 70 -6.51 6.43 -28.88
C GLU A 70 -7.97 6.87 -28.82
N TRP A 71 -8.55 6.87 -27.63
CA TRP A 71 -9.94 7.24 -27.44
C TRP A 71 -10.03 8.75 -27.21
N ALA A 72 -10.64 9.46 -28.16
CA ALA A 72 -10.78 10.92 -28.06
C ALA A 72 -12.06 11.35 -28.77
N PRO A 73 -13.21 11.21 -28.12
CA PRO A 73 -14.48 11.61 -28.75
C PRO A 73 -14.56 13.09 -29.07
N ALA A 74 -13.96 13.96 -28.27
CA ALA A 74 -14.08 15.39 -28.48
C ALA A 74 -13.27 15.87 -29.70
N ALA A 75 -12.28 15.10 -30.13
CA ALA A 75 -11.45 15.53 -31.25
C ALA A 75 -12.23 15.47 -32.56
N GLN A 76 -12.00 16.45 -33.42
CA GLN A 76 -12.52 16.44 -34.78
C GLN A 76 -11.49 15.96 -35.80
N GLU A 77 -10.21 16.16 -35.51
CA GLU A 77 -9.11 15.63 -36.31
C GLU A 77 -8.02 15.16 -35.37
N ALA A 78 -7.26 14.16 -35.80
CA ALA A 78 -6.19 13.62 -34.97
C ALA A 78 -5.12 13.01 -35.85
N GLN A 79 -3.88 13.07 -35.36
CA GLN A 79 -2.74 12.46 -36.02
C GLN A 79 -1.72 12.08 -34.96
N LEU A 80 -0.80 11.20 -35.36
CA LEU A 80 0.29 10.75 -34.51
C LEU A 80 1.56 11.49 -34.94
N ILE A 81 2.18 12.19 -33.99
CA ILE A 81 3.43 12.89 -34.28
C ILE A 81 4.52 12.31 -33.40
N GLY A 82 5.76 12.55 -33.80
CA GLY A 82 6.88 12.02 -33.04
C GLY A 82 8.17 12.20 -33.80
N GLU A 83 9.24 11.68 -33.19
CA GLU A 83 10.55 11.75 -33.82
C GLU A 83 10.58 10.98 -35.13
N PHE A 84 9.77 9.93 -35.26
CA PHE A 84 9.79 9.11 -36.46
C PHE A 84 9.30 9.87 -37.68
N ASN A 85 8.44 10.87 -37.49
CA ASN A 85 8.02 11.76 -38.56
C ASN A 85 8.40 13.20 -38.28
N ASN A 86 9.42 13.40 -37.44
CA ASN A 86 9.91 14.72 -37.06
C ASN A 86 8.75 15.65 -36.66
N TRP A 87 7.82 15.12 -35.87
CA TRP A 87 6.75 15.89 -35.25
C TRP A 87 5.80 16.49 -36.28
N ASN A 88 5.68 15.86 -37.45
CA ASN A 88 4.77 16.30 -38.51
C ASN A 88 3.87 15.13 -38.85
N GLY A 89 2.62 15.17 -38.40
CA GLY A 89 1.69 14.08 -38.61
C GLY A 89 0.90 14.20 -39.89
N ALA A 90 1.45 14.91 -40.88
CA ALA A 90 0.74 15.11 -42.14
C ALA A 90 0.47 13.78 -42.85
N LYS A 91 1.46 12.89 -42.87
CA LYS A 91 1.32 11.58 -43.48
C LYS A 91 0.88 10.51 -42.50
N HIS A 92 0.42 10.90 -41.32
CA HIS A 92 -0.03 9.95 -40.30
C HIS A 92 -1.31 10.45 -39.65
N LYS A 93 -2.29 10.81 -40.47
CA LYS A 93 -3.60 11.17 -39.95
C LYS A 93 -4.34 9.91 -39.50
N MET A 94 -5.02 10.00 -38.37
CA MET A 94 -5.81 8.91 -37.84
C MET A 94 -7.29 9.08 -38.22
N GLU A 95 -8.02 7.98 -38.13
CA GLU A 95 -9.43 7.95 -38.50
C GLU A 95 -10.28 7.64 -37.27
N LYS A 96 -11.39 8.35 -37.15
CA LYS A 96 -12.31 8.22 -36.03
C LYS A 96 -13.46 7.28 -36.37
N ASP A 97 -13.90 6.50 -35.40
CA ASP A 97 -15.07 5.66 -35.55
C ASP A 97 -16.21 6.17 -34.67
N LYS A 98 -17.34 5.48 -34.75
CA LYS A 98 -18.55 5.91 -34.05
C LYS A 98 -18.39 5.89 -32.54
N PHE A 99 -17.46 5.11 -32.00
CA PHE A 99 -17.21 5.05 -30.57
C PHE A 99 -16.28 6.15 -30.08
N GLY A 100 -15.83 7.05 -30.96
CA GLY A 100 -14.88 8.07 -30.59
C GLY A 100 -13.43 7.62 -30.58
N ILE A 101 -13.15 6.42 -31.09
CA ILE A 101 -11.80 5.87 -31.10
C ILE A 101 -11.11 6.24 -32.41
N TRP A 102 -9.92 6.81 -32.31
CA TRP A 102 -9.07 7.10 -33.45
C TRP A 102 -8.06 5.96 -33.60
N SER A 103 -7.77 5.60 -34.86
CA SER A 103 -6.90 4.48 -35.14
C SER A 103 -6.05 4.79 -36.38
N ILE A 104 -4.86 4.21 -36.41
CA ILE A 104 -4.02 4.26 -37.60
C ILE A 104 -3.18 3.00 -37.66
N LYS A 105 -2.97 2.50 -38.88
CA LYS A 105 -2.03 1.43 -39.16
C LYS A 105 -0.88 2.01 -39.97
N ILE A 106 0.34 1.81 -39.49
CA ILE A 106 1.55 2.34 -40.12
C ILE A 106 2.42 1.16 -40.53
N SER A 107 2.62 1.00 -41.84
CA SER A 107 3.39 -0.13 -42.34
C SER A 107 4.86 0.01 -41.97
N HIS A 108 5.54 -1.14 -41.89
CA HIS A 108 6.97 -1.14 -41.60
C HIS A 108 7.73 -0.38 -42.68
N VAL A 109 8.86 0.19 -42.28
CA VAL A 109 9.74 0.91 -43.19
C VAL A 109 11.05 0.14 -43.24
N ASN A 110 11.35 -0.45 -44.41
CA ASN A 110 12.52 -1.31 -44.59
C ASN A 110 12.51 -2.47 -43.62
N GLY A 111 11.36 -3.14 -43.52
CA GLY A 111 11.21 -4.29 -42.64
C GLY A 111 11.22 -3.97 -41.16
N LYS A 112 11.59 -2.76 -40.76
CA LYS A 112 11.63 -2.36 -39.37
C LYS A 112 10.40 -1.56 -39.00
N PRO A 113 9.95 -1.65 -37.74
CA PRO A 113 8.79 -0.86 -37.31
C PRO A 113 8.99 0.62 -37.54
N ALA A 114 7.89 1.30 -37.86
CA ALA A 114 7.97 2.70 -38.24
C ALA A 114 8.37 3.59 -37.07
N ILE A 115 7.91 3.25 -35.87
CA ILE A 115 8.21 4.01 -34.66
C ILE A 115 9.35 3.29 -33.94
N PRO A 116 10.56 3.84 -33.90
CA PRO A 116 11.67 3.16 -33.23
C PRO A 116 11.44 3.05 -31.74
N HIS A 117 12.00 2.00 -31.15
CA HIS A 117 11.97 1.85 -29.72
C HIS A 117 12.72 3.01 -29.05
N ASN A 118 12.18 3.47 -27.92
CA ASN A 118 12.79 4.56 -27.14
C ASN A 118 12.82 5.86 -27.94
N SER A 119 11.74 6.15 -28.66
CA SER A 119 11.57 7.41 -29.36
C SER A 119 10.30 8.10 -28.86
N LYS A 120 10.28 9.43 -28.98
CA LYS A 120 9.21 10.23 -28.41
C LYS A 120 8.05 10.36 -29.38
N VAL A 121 6.83 10.33 -28.83
CA VAL A 121 5.59 10.36 -29.60
C VAL A 121 4.56 11.18 -28.85
N LYS A 122 3.61 11.76 -29.60
CA LYS A 122 2.50 12.51 -29.04
C LYS A 122 1.28 12.35 -29.94
N PHE A 123 0.12 12.47 -29.30
CA PHE A 123 -1.18 12.43 -29.96
C PHE A 123 -1.63 13.88 -30.18
N ARG A 124 -1.72 14.29 -31.46
CA ARG A 124 -2.05 15.65 -31.81
C ARG A 124 -3.49 15.68 -32.29
N PHE A 125 -4.33 16.51 -31.68
CA PHE A 125 -5.73 16.54 -32.08
C PHE A 125 -6.30 17.94 -32.00
N ARG A 126 -7.31 18.17 -32.82
CA ARG A 126 -8.05 19.44 -32.86
C ARG A 126 -9.41 19.23 -32.21
N HIS A 127 -9.74 20.10 -31.26
CA HIS A 127 -11.02 20.01 -30.57
C HIS A 127 -12.01 20.98 -31.18
N GLY A 128 -13.19 21.11 -30.55
CA GLY A 128 -14.29 21.81 -31.17
C GLY A 128 -14.00 23.26 -31.48
N GLY A 129 -13.24 23.93 -30.61
CA GLY A 129 -12.93 25.34 -30.82
C GLY A 129 -12.11 25.61 -32.06
N GLY A 130 -11.41 24.61 -32.58
CA GLY A 130 -10.59 24.77 -33.77
C GLY A 130 -9.10 24.76 -33.52
N ALA A 131 -8.68 24.69 -32.26
CA ALA A 131 -7.26 24.72 -31.92
C ALA A 131 -6.68 23.31 -31.86
N TRP A 132 -5.40 23.20 -32.14
CA TRP A 132 -4.66 21.94 -32.07
C TRP A 132 -3.91 21.86 -30.75
N VAL A 133 -3.92 20.67 -30.14
CA VAL A 133 -3.17 20.42 -28.91
C VAL A 133 -2.48 19.07 -29.02
N ASP A 134 -1.30 18.98 -28.41
CA ASP A 134 -0.50 17.76 -28.36
C ASP A 134 -0.54 17.21 -26.94
N ARG A 135 -0.82 15.91 -26.82
CA ARG A 135 -0.92 15.26 -25.53
C ARG A 135 -0.11 13.96 -25.54
N ILE A 136 0.22 13.49 -24.35
CA ILE A 136 0.88 12.19 -24.21
C ILE A 136 -0.17 11.10 -24.34
N PRO A 137 0.08 10.05 -25.13
CA PRO A 137 -0.91 8.98 -25.27
C PRO A 137 -1.30 8.40 -23.91
N ALA A 138 -2.61 8.18 -23.72
CA ALA A 138 -3.12 7.75 -22.43
C ALA A 138 -2.60 6.37 -22.05
N TRP A 139 -2.26 5.54 -23.02
CA TRP A 139 -1.77 4.19 -22.77
C TRP A 139 -0.26 4.07 -22.94
N ILE A 140 0.47 5.20 -22.89
CA ILE A 140 1.91 5.14 -23.03
C ILE A 140 2.50 4.34 -21.87
N ARG A 141 3.56 3.59 -22.14
CA ARG A 141 4.16 2.72 -21.15
C ARG A 141 5.45 3.30 -20.56
N TYR A 142 5.91 4.43 -21.07
CA TYR A 142 7.11 5.09 -20.57
C TYR A 142 7.00 6.57 -20.93
N ALA A 143 7.44 7.43 -20.02
CA ALA A 143 7.38 8.87 -20.26
C ALA A 143 8.54 9.51 -19.51
N THR A 144 9.38 10.24 -20.24
CA THR A 144 10.59 10.83 -19.68
C THR A 144 10.49 12.34 -19.67
N PHE A 145 11.06 12.95 -18.63
CA PHE A 145 11.10 14.40 -18.50
C PHE A 145 12.50 14.90 -18.85
N ASP A 146 12.55 16.12 -19.37
CA ASP A 146 13.80 16.81 -19.68
C ASP A 146 13.94 17.96 -18.70
N ALA A 147 14.75 17.75 -17.65
CA ALA A 147 14.99 18.80 -16.66
C ALA A 147 15.75 19.98 -17.23
N SER A 148 16.39 19.82 -18.39
CA SER A 148 17.09 20.93 -19.02
C SER A 148 16.11 22.03 -19.44
N LYS A 149 14.98 21.65 -20.00
CA LYS A 149 13.98 22.63 -20.43
C LYS A 149 13.18 23.14 -19.25
N PHE A 150 12.69 24.37 -19.36
CA PHE A 150 11.85 24.94 -18.32
C PHE A 150 10.49 24.27 -18.32
N GLY A 151 10.03 23.88 -17.13
CA GLY A 151 8.83 23.11 -16.93
C GLY A 151 9.08 21.68 -16.55
N ALA A 152 10.29 21.17 -16.82
CA ALA A 152 10.59 19.75 -16.82
C ALA A 152 9.49 18.99 -17.56
N PRO A 153 9.15 19.39 -18.78
CA PRO A 153 7.99 18.79 -19.45
C PRO A 153 8.27 17.36 -19.85
N TYR A 154 7.22 16.55 -19.85
CA TYR A 154 7.36 15.13 -20.15
C TYR A 154 7.16 14.87 -21.64
N ASP A 155 7.64 13.72 -22.08
CA ASP A 155 7.46 13.21 -23.43
C ASP A 155 7.09 11.75 -23.33
N GLY A 156 6.02 11.36 -24.00
CA GLY A 156 5.70 9.95 -24.12
C GLY A 156 6.73 9.25 -25.00
N VAL A 157 7.11 8.04 -24.59
CA VAL A 157 8.18 7.30 -25.24
C VAL A 157 7.65 5.93 -25.60
N HIS A 158 7.74 5.58 -26.89
CA HIS A 158 7.35 4.26 -27.34
C HIS A 158 8.32 3.23 -26.78
N TRP A 159 7.81 2.32 -25.96
CA TRP A 159 8.63 1.32 -25.29
C TRP A 159 8.33 -0.05 -25.89
N ASP A 160 9.20 -0.49 -26.81
CA ASP A 160 9.15 -1.84 -27.37
C ASP A 160 10.59 -2.32 -27.54
N PRO A 161 11.25 -2.66 -26.43
CA PRO A 161 12.68 -2.97 -26.52
C PRO A 161 12.92 -4.28 -27.24
N PRO A 162 14.03 -4.40 -27.96
CA PRO A 162 14.36 -5.68 -28.60
C PRO A 162 14.73 -6.73 -27.55
N ALA A 163 14.84 -7.97 -28.02
CA ALA A 163 15.07 -9.10 -27.12
C ALA A 163 16.39 -8.97 -26.37
N CYS A 164 17.37 -8.29 -26.96
CA CYS A 164 18.68 -8.15 -26.31
C CYS A 164 18.62 -7.29 -25.05
N GLU A 165 17.59 -6.45 -24.91
CA GLU A 165 17.45 -5.61 -23.73
C GLU A 165 16.07 -5.69 -23.10
N ARG A 166 15.25 -6.66 -23.51
CA ARG A 166 13.98 -6.92 -22.84
C ARG A 166 14.21 -7.90 -21.69
N TYR A 167 13.71 -7.55 -20.51
CA TYR A 167 13.95 -8.38 -19.34
C TYR A 167 13.07 -9.62 -19.36
N VAL A 168 13.68 -10.76 -19.03
CA VAL A 168 12.98 -12.05 -18.96
C VAL A 168 12.89 -12.44 -17.49
N PHE A 169 11.66 -12.66 -17.02
CA PHE A 169 11.46 -13.13 -15.66
C PHE A 169 12.00 -14.54 -15.50
N LYS A 170 12.83 -14.76 -14.51
CA LYS A 170 13.48 -16.05 -14.29
C LYS A 170 12.99 -16.79 -13.07
N HIS A 171 12.15 -16.18 -12.24
CA HIS A 171 11.72 -16.78 -10.99
C HIS A 171 10.20 -16.81 -10.90
N PRO A 172 9.64 -17.84 -10.28
CA PRO A 172 8.19 -17.93 -10.14
C PRO A 172 7.68 -17.01 -9.04
N ARG A 173 6.36 -16.85 -9.02
CA ARG A 173 5.73 -16.15 -7.91
C ARG A 173 5.79 -17.01 -6.65
N PRO A 174 6.13 -16.42 -5.50
CA PRO A 174 6.06 -17.18 -4.24
C PRO A 174 4.62 -17.53 -3.91
N PRO A 175 4.40 -18.56 -3.11
CA PRO A 175 3.04 -18.86 -2.66
C PRO A 175 2.52 -17.76 -1.76
N LYS A 176 1.20 -17.68 -1.64
CA LYS A 176 0.60 -16.70 -0.76
C LYS A 176 0.92 -17.05 0.69
N PRO A 177 1.46 -16.12 1.48
CA PRO A 177 1.79 -16.43 2.86
C PRO A 177 0.54 -16.61 3.71
N ASP A 178 0.72 -17.25 4.86
CA ASP A 178 -0.39 -17.43 5.79
C ASP A 178 -0.89 -16.08 6.32
N ALA A 179 0.00 -15.10 6.39
CA ALA A 179 -0.35 -13.74 6.81
C ALA A 179 0.65 -12.79 6.19
N PRO A 180 0.21 -11.63 5.69
CA PRO A 180 1.13 -10.70 5.02
C PRO A 180 1.94 -9.89 6.03
N ARG A 181 3.26 -9.96 5.89
CA ARG A 181 4.19 -9.11 6.64
C ARG A 181 4.81 -8.17 5.61
N ILE A 182 4.30 -6.94 5.58
CA ILE A 182 4.47 -6.03 4.45
C ILE A 182 5.51 -4.98 4.79
N TYR A 183 6.47 -4.80 3.89
CA TYR A 183 7.47 -3.74 3.97
C TYR A 183 7.10 -2.69 2.94
N GLU A 184 6.44 -1.62 3.40
CA GLU A 184 6.04 -0.53 2.52
C GLU A 184 7.25 0.32 2.16
N ALA A 185 7.45 0.56 0.87
CA ALA A 185 8.68 1.20 0.41
C ALA A 185 8.39 2.15 -0.73
N HIS A 186 9.33 3.07 -0.94
CA HIS A 186 9.30 4.05 -2.01
C HIS A 186 10.69 4.09 -2.62
N VAL A 187 10.80 3.71 -3.89
CA VAL A 187 12.11 3.47 -4.49
C VAL A 187 12.94 4.75 -4.54
N GLY A 188 12.31 5.88 -4.84
CA GLY A 188 13.07 7.11 -5.06
C GLY A 188 13.87 7.54 -3.84
N MET A 189 13.24 7.51 -2.67
N MET A 189 13.25 7.50 -2.68
CA MET A 189 13.91 7.92 -1.44
CA MET A 189 13.87 7.92 -1.42
C MET A 189 14.48 6.75 -0.65
C MET A 189 14.50 6.76 -0.67
N SER A 190 14.70 5.61 -1.31
CA SER A 190 15.20 4.43 -0.63
C SER A 190 16.72 4.42 -0.47
N GLY A 191 17.43 5.35 -1.09
CA GLY A 191 18.88 5.39 -0.97
C GLY A 191 19.34 6.31 0.15
N GLU A 192 20.63 6.15 0.51
CA GLU A 192 21.23 7.04 1.49
C GLU A 192 21.67 8.36 0.86
N GLU A 193 22.06 8.32 -0.41
CA GLU A 193 22.44 9.54 -1.10
C GLU A 193 21.22 10.46 -1.25
N PRO A 194 21.38 11.76 -1.04
CA PRO A 194 20.24 12.68 -1.23
C PRO A 194 19.91 12.88 -2.69
N GLU A 195 19.28 11.88 -3.30
CA GLU A 195 18.91 11.93 -4.70
C GLU A 195 17.69 11.05 -4.90
N VAL A 196 17.28 10.87 -6.16
CA VAL A 196 16.27 9.89 -6.52
C VAL A 196 16.97 8.58 -6.83
N SER A 197 16.72 7.56 -6.01
CA SER A 197 17.35 6.27 -6.20
C SER A 197 16.71 5.53 -7.38
N THR A 198 17.36 4.43 -7.77
CA THR A 198 16.94 3.66 -8.94
C THR A 198 16.33 2.33 -8.53
N TYR A 199 15.57 1.75 -9.46
CA TYR A 199 14.97 0.45 -9.21
C TYR A 199 16.02 -0.63 -8.97
N ARG A 200 17.14 -0.56 -9.72
CA ARG A 200 18.19 -1.55 -9.55
C ARG A 200 18.88 -1.40 -8.20
N GLU A 201 19.11 -0.17 -7.76
CA GLU A 201 19.69 0.05 -6.43
C GLU A 201 18.77 -0.47 -5.34
N PHE A 202 17.46 -0.26 -5.48
CA PHE A 202 16.51 -0.79 -4.52
C PHE A 202 16.54 -2.32 -4.52
N ALA A 203 16.61 -2.93 -5.70
CA ALA A 203 16.58 -4.38 -5.79
C ALA A 203 17.84 -5.00 -5.20
N ASP A 204 18.99 -4.36 -5.39
CA ASP A 204 20.26 -4.94 -4.96
C ASP A 204 20.63 -4.57 -3.52
N ASN A 205 20.13 -3.46 -3.00
CA ASN A 205 20.52 -2.97 -1.69
C ASN A 205 19.43 -3.10 -0.63
N VAL A 206 18.17 -2.89 -0.99
CA VAL A 206 17.09 -2.79 -0.01
C VAL A 206 16.33 -4.10 0.13
N LEU A 207 15.96 -4.73 -0.98
CA LEU A 207 15.30 -6.03 -0.92
C LEU A 207 16.00 -7.05 -0.02
N PRO A 208 17.33 -7.17 -0.03
CA PRO A 208 17.98 -8.05 0.95
C PRO A 208 17.73 -7.62 2.39
N ARG A 209 17.68 -6.31 2.66
CA ARG A 209 17.34 -5.85 4.01
C ARG A 209 15.94 -6.27 4.39
N ILE A 210 15.01 -6.23 3.44
CA ILE A 210 13.63 -6.62 3.71
C ILE A 210 13.55 -8.11 3.99
N ARG A 211 14.27 -8.92 3.21
CA ARG A 211 14.24 -10.36 3.44
C ARG A 211 14.92 -10.74 4.76
N ALA A 212 16.02 -10.06 5.08
CA ALA A 212 16.76 -10.37 6.31
C ALA A 212 15.95 -10.04 7.55
N ASN A 213 15.05 -9.06 7.48
CA ASN A 213 14.16 -8.74 8.57
C ASN A 213 12.90 -9.59 8.58
N ASN A 214 12.83 -10.61 7.70
CA ASN A 214 11.80 -11.64 7.73
C ASN A 214 10.42 -11.09 7.36
N TYR A 215 10.37 -10.04 6.55
CA TYR A 215 9.11 -9.71 5.90
C TYR A 215 8.89 -10.67 4.74
N ASN A 216 7.62 -10.81 4.33
CA ASN A 216 7.29 -11.66 3.20
C ASN A 216 6.62 -10.92 2.06
N THR A 217 6.40 -9.61 2.21
CA THR A 217 5.70 -8.83 1.20
C THR A 217 6.28 -7.43 1.16
N VAL A 218 6.43 -6.88 -0.04
CA VAL A 218 6.83 -5.50 -0.24
C VAL A 218 5.65 -4.75 -0.84
N GLN A 219 5.36 -3.58 -0.27
CA GLN A 219 4.35 -2.68 -0.82
C GLN A 219 5.07 -1.58 -1.58
N LEU A 220 5.03 -1.66 -2.91
CA LEU A 220 5.78 -0.74 -3.77
C LEU A 220 4.91 0.46 -4.08
N MET A 221 5.29 1.62 -3.56
CA MET A 221 4.58 2.86 -3.82
C MET A 221 5.19 3.57 -5.03
N ALA A 222 4.45 4.55 -5.54
CA ALA A 222 4.96 5.51 -6.52
C ALA A 222 5.55 4.83 -7.76
N ILE A 223 4.90 3.75 -8.20
CA ILE A 223 5.33 3.10 -9.43
C ILE A 223 4.68 3.78 -10.64
N MET A 224 3.38 4.01 -10.57
CA MET A 224 2.69 4.70 -11.66
C MET A 224 3.21 6.12 -11.81
N GLU A 225 3.36 6.55 -13.05
CA GLU A 225 4.07 7.79 -13.35
C GLU A 225 3.34 9.00 -12.76
N HIS A 226 4.11 9.88 -12.14
CA HIS A 226 3.58 11.12 -11.57
C HIS A 226 4.62 12.21 -11.74
N SER A 227 4.19 13.34 -12.33
CA SER A 227 5.14 14.43 -12.57
C SER A 227 5.52 15.15 -11.29
N TYR A 228 4.65 15.12 -10.29
CA TYR A 228 4.88 15.81 -9.02
C TYR A 228 5.45 14.80 -8.02
N TYR A 229 6.77 14.86 -7.82
CA TYR A 229 7.45 13.92 -6.95
C TYR A 229 6.91 13.98 -5.52
N ALA A 230 6.64 15.20 -5.02
CA ALA A 230 6.17 15.38 -3.66
C ALA A 230 4.79 14.81 -3.41
N SER A 231 4.09 14.36 -4.45
CA SER A 231 2.79 13.72 -4.27
C SER A 231 2.90 12.31 -3.72
N PHE A 232 4.12 11.81 -3.49
CA PHE A 232 4.37 10.45 -3.01
C PHE A 232 3.78 9.40 -3.95
N GLY A 233 3.56 9.76 -5.22
CA GLY A 233 2.97 8.88 -6.20
C GLY A 233 1.47 8.92 -6.29
N TYR A 234 0.80 9.73 -5.47
CA TYR A 234 -0.66 9.72 -5.40
C TYR A 234 -1.33 10.55 -6.50
N HIS A 235 -0.57 11.33 -7.26
CA HIS A 235 -1.12 12.14 -8.35
C HIS A 235 -0.59 11.60 -9.68
N VAL A 236 -1.25 10.55 -10.18
CA VAL A 236 -0.77 9.84 -11.36
C VAL A 236 -1.11 10.64 -12.61
N THR A 237 -0.15 10.68 -13.54
CA THR A 237 -0.31 11.35 -14.83
C THR A 237 -0.41 10.39 -16.00
N ASN A 238 0.45 9.36 -16.04
CA ASN A 238 0.43 8.34 -17.09
C ASN A 238 0.27 6.99 -16.41
N PHE A 239 -0.95 6.44 -16.47
CA PHE A 239 -1.31 5.31 -15.63
C PHE A 239 -0.65 4.00 -16.06
N PHE A 240 -0.13 3.92 -17.28
CA PHE A 240 0.52 2.71 -17.77
C PHE A 240 2.03 2.83 -17.81
N ALA A 241 2.59 3.94 -17.33
CA ALA A 241 4.01 4.20 -17.43
C ALA A 241 4.70 3.97 -16.10
N VAL A 242 5.81 3.21 -16.13
CA VAL A 242 6.65 3.07 -14.96
C VAL A 242 7.40 4.38 -14.74
N SER A 243 7.32 4.91 -13.52
CA SER A 243 7.92 6.21 -13.20
C SER A 243 9.39 6.25 -13.61
N SER A 244 9.72 7.16 -14.51
CA SER A 244 11.00 7.14 -15.21
C SER A 244 12.15 7.71 -14.39
N ARG A 245 11.87 8.42 -13.29
CA ARG A 245 12.95 9.00 -12.50
C ARG A 245 13.83 7.95 -11.85
N SER A 246 13.37 6.70 -11.78
CA SER A 246 14.12 5.63 -11.15
C SER A 246 14.59 4.57 -12.13
N GLY A 247 14.33 4.74 -13.43
CA GLY A 247 14.78 3.80 -14.43
C GLY A 247 13.68 3.48 -15.41
N THR A 248 13.88 2.38 -16.14
CA THR A 248 13.01 1.92 -17.20
C THR A 248 12.07 0.83 -16.68
N PRO A 249 11.04 0.46 -17.44
CA PRO A 249 10.19 -0.67 -17.03
C PRO A 249 10.96 -1.97 -16.85
N GLU A 250 12.03 -2.19 -17.63
CA GLU A 250 12.83 -3.40 -17.45
C GLU A 250 13.52 -3.41 -16.10
N ASP A 251 13.93 -2.25 -15.60
CA ASP A 251 14.52 -2.18 -14.27
C ASP A 251 13.52 -2.58 -13.20
N LEU A 252 12.26 -2.15 -13.35
CA LEU A 252 11.23 -2.54 -12.40
C LEU A 252 10.93 -4.03 -12.49
N LYS A 253 10.91 -4.57 -13.71
CA LYS A 253 10.77 -6.02 -13.87
C LYS A 253 11.89 -6.75 -13.15
N TYR A 254 13.13 -6.25 -13.27
CA TYR A 254 14.25 -6.84 -12.55
C TYR A 254 14.04 -6.76 -11.05
N LEU A 255 13.49 -5.64 -10.57
CA LEU A 255 13.20 -5.49 -9.14
C LEU A 255 12.22 -6.55 -8.67
N VAL A 256 11.10 -6.69 -9.38
CA VAL A 256 10.08 -7.67 -9.00
C VAL A 256 10.65 -9.08 -9.05
N ASP A 257 11.44 -9.38 -10.08
CA ASP A 257 12.02 -10.71 -10.22
C ASP A 257 13.01 -11.00 -9.10
N LYS A 258 13.83 -10.02 -8.73
CA LYS A 258 14.77 -10.22 -7.63
C LYS A 258 14.04 -10.41 -6.31
N ALA A 259 12.97 -9.66 -6.08
CA ALA A 259 12.16 -9.87 -4.88
C ALA A 259 11.59 -11.27 -4.85
N HIS A 260 11.09 -11.76 -5.99
CA HIS A 260 10.57 -13.12 -6.05
C HIS A 260 11.66 -14.15 -5.82
N SER A 261 12.88 -13.87 -6.29
CA SER A 261 13.99 -14.79 -6.05
C SER A 261 14.34 -14.88 -4.56
N LEU A 262 14.11 -13.80 -3.82
CA LEU A 262 14.32 -13.80 -2.37
C LEU A 262 13.13 -14.37 -1.60
N GLY A 263 12.12 -14.86 -2.30
CA GLY A 263 10.92 -15.35 -1.63
C GLY A 263 9.95 -14.28 -1.19
N LEU A 264 10.11 -13.05 -1.67
CA LEU A 264 9.26 -11.94 -1.28
C LEU A 264 8.16 -11.73 -2.32
N ARG A 265 6.93 -11.55 -1.85
CA ARG A 265 5.83 -11.15 -2.71
C ARG A 265 5.81 -9.63 -2.84
N VAL A 266 5.35 -9.15 -4.00
CA VAL A 266 5.38 -7.72 -4.31
C VAL A 266 3.96 -7.27 -4.63
N LEU A 267 3.48 -6.29 -3.87
CA LEU A 267 2.26 -5.58 -4.17
C LEU A 267 2.60 -4.18 -4.68
N MET A 268 1.73 -3.64 -5.53
CA MET A 268 1.92 -2.32 -6.11
C MET A 268 0.79 -1.39 -5.66
N ASP A 269 1.14 -0.12 -5.47
CA ASP A 269 0.13 0.89 -5.19
C ASP A 269 -0.63 1.22 -6.47
N VAL A 270 -1.94 1.05 -6.43
CA VAL A 270 -2.81 1.38 -7.56
C VAL A 270 -3.61 2.62 -7.18
N VAL A 271 -3.47 3.67 -7.98
CA VAL A 271 -4.19 4.92 -7.74
C VAL A 271 -5.25 5.09 -8.81
N HIS A 272 -6.41 4.46 -8.63
CA HIS A 272 -7.55 4.63 -9.51
C HIS A 272 -8.63 5.52 -8.89
N SER A 273 -8.30 6.23 -7.81
CA SER A 273 -9.26 7.07 -7.11
C SER A 273 -9.35 8.48 -7.69
N HIS A 274 -8.33 8.93 -8.41
CA HIS A 274 -8.30 10.27 -8.99
C HIS A 274 -7.17 10.32 -10.00
N ALA A 275 -6.97 11.50 -10.59
CA ALA A 275 -5.92 11.71 -11.56
C ALA A 275 -5.39 13.12 -11.42
N SER A 276 -4.09 13.28 -11.67
CA SER A 276 -3.45 14.58 -11.59
C SER A 276 -4.12 15.58 -12.51
N ASN A 277 -4.10 16.84 -12.11
CA ASN A 277 -4.67 17.92 -12.92
C ASN A 277 -3.74 18.36 -14.04
N ASN A 278 -2.49 17.88 -14.05
CA ASN A 278 -1.52 18.23 -15.08
C ASN A 278 -2.08 17.94 -16.47
N MET A 279 -2.28 19.00 -17.26
CA MET A 279 -2.86 18.87 -18.59
C MET A 279 -1.82 18.58 -19.66
N THR A 280 -0.63 19.15 -19.54
CA THR A 280 0.39 18.92 -20.57
C THR A 280 0.95 17.51 -20.52
N ASP A 281 1.23 17.01 -19.31
CA ASP A 281 1.89 15.71 -19.15
C ASP A 281 0.92 14.56 -18.90
N GLY A 282 -0.25 14.83 -18.33
CA GLY A 282 -1.10 13.78 -17.81
C GLY A 282 -2.42 13.57 -18.54
N LEU A 283 -3.20 12.66 -17.97
CA LEU A 283 -4.48 12.26 -18.55
C LEU A 283 -5.46 13.42 -18.65
N ASN A 284 -5.40 14.35 -17.68
CA ASN A 284 -6.30 15.50 -17.68
C ASN A 284 -6.19 16.32 -18.95
N GLY A 285 -5.13 16.14 -19.73
CA GLY A 285 -4.98 16.86 -20.99
C GLY A 285 -6.00 16.46 -22.04
N TYR A 286 -6.70 15.35 -21.84
CA TYR A 286 -7.76 14.95 -22.76
C TYR A 286 -9.10 15.56 -22.40
N ASP A 287 -9.17 16.37 -21.35
CA ASP A 287 -10.37 17.13 -21.03
C ASP A 287 -10.27 18.50 -21.70
N VAL A 288 -11.06 18.71 -22.75
CA VAL A 288 -11.16 19.97 -23.45
C VAL A 288 -12.55 20.60 -23.32
N GLY A 289 -13.29 20.21 -22.28
CA GLY A 289 -14.63 20.75 -22.05
C GLY A 289 -15.78 19.87 -22.50
N GLN A 290 -15.52 18.65 -22.95
CA GLN A 290 -16.58 17.78 -23.40
C GLN A 290 -17.38 17.25 -22.21
N ASN A 291 -18.58 16.76 -22.50
CA ASN A 291 -19.42 16.21 -21.45
C ASN A 291 -18.81 14.93 -20.91
N THR A 292 -19.33 14.47 -19.77
CA THR A 292 -18.75 13.34 -19.07
C THR A 292 -18.85 12.05 -19.87
N HIS A 293 -19.82 11.93 -20.78
CA HIS A 293 -19.91 10.72 -21.59
C HIS A 293 -18.85 10.64 -22.68
N GLU A 294 -18.09 11.73 -22.88
CA GLU A 294 -16.97 11.73 -23.81
C GLU A 294 -15.65 11.97 -23.09
N SER A 295 -15.60 11.71 -21.79
CA SER A 295 -14.44 12.06 -20.97
C SER A 295 -14.11 10.95 -20.00
N TYR A 296 -12.84 10.88 -19.61
CA TYR A 296 -12.43 9.98 -18.53
C TYR A 296 -13.07 10.36 -17.22
N PHE A 297 -13.42 11.64 -17.04
CA PHE A 297 -13.80 12.19 -15.76
C PHE A 297 -15.23 12.70 -15.81
N HIS A 298 -15.82 12.83 -14.62
CA HIS A 298 -17.06 13.57 -14.48
C HIS A 298 -16.79 15.05 -14.77
N THR A 299 -17.87 15.81 -14.93
CA THR A 299 -17.77 17.24 -15.15
C THR A 299 -18.35 18.00 -13.96
N GLY A 300 -17.99 19.27 -13.88
CA GLY A 300 -18.45 20.08 -12.77
C GLY A 300 -17.95 19.56 -11.43
N ASP A 301 -18.76 19.80 -10.40
CA ASP A 301 -18.36 19.48 -9.03
C ASP A 301 -17.99 18.01 -8.89
N ARG A 302 -18.77 17.12 -9.51
CA ARG A 302 -18.51 15.68 -9.36
C ARG A 302 -17.17 15.27 -9.97
N GLY A 303 -16.63 16.06 -10.89
CA GLY A 303 -15.38 15.72 -11.52
C GLY A 303 -14.13 16.28 -10.87
N TYR A 304 -14.26 16.89 -9.68
CA TYR A 304 -13.14 17.56 -9.04
C TYR A 304 -13.09 17.19 -7.56
N HIS A 305 -11.90 16.86 -7.09
CA HIS A 305 -11.67 16.54 -5.68
C HIS A 305 -11.16 17.80 -4.99
N LYS A 306 -11.98 18.35 -4.09
CA LYS A 306 -11.63 19.62 -3.45
C LYS A 306 -10.39 19.49 -2.58
N LEU A 307 -10.24 18.36 -1.88
CA LEU A 307 -9.12 18.20 -0.96
C LEU A 307 -7.82 17.96 -1.72
N TRP A 308 -7.84 17.05 -2.69
CA TRP A 308 -6.63 16.68 -3.41
C TRP A 308 -6.34 17.57 -4.62
N ASP A 309 -7.27 18.44 -4.99
CA ASP A 309 -7.14 19.27 -6.20
C ASP A 309 -6.87 18.39 -7.42
N SER A 310 -7.81 17.48 -7.67
CA SER A 310 -7.61 16.40 -8.62
C SER A 310 -8.89 16.17 -9.41
N ARG A 311 -8.77 15.39 -10.48
CA ARG A 311 -9.89 14.99 -11.31
C ARG A 311 -10.39 13.61 -10.88
N LEU A 312 -11.69 13.39 -11.05
CA LEU A 312 -12.35 12.18 -10.58
C LEU A 312 -12.94 11.42 -11.76
N PHE A 313 -12.70 10.11 -11.79
CA PHE A 313 -13.13 9.28 -12.91
C PHE A 313 -14.64 9.13 -12.95
N ASN A 314 -15.16 8.94 -14.16
CA ASN A 314 -16.53 8.46 -14.35
C ASN A 314 -16.45 6.95 -14.54
N TYR A 315 -16.61 6.22 -13.44
CA TYR A 315 -16.46 4.77 -13.45
C TYR A 315 -17.56 4.06 -14.23
N ALA A 316 -18.61 4.78 -14.63
CA ALA A 316 -19.69 4.18 -15.40
C ALA A 316 -19.39 4.13 -16.90
N ASN A 317 -18.38 4.86 -17.36
CA ASN A 317 -18.09 4.92 -18.78
C ASN A 317 -17.39 3.65 -19.26
N TRP A 318 -17.82 3.17 -20.42
CA TRP A 318 -17.26 1.93 -21.00
C TRP A 318 -15.74 2.04 -21.14
N GLU A 319 -15.27 3.14 -21.70
CA GLU A 319 -13.83 3.27 -21.96
C GLU A 319 -13.05 3.45 -20.67
N VAL A 320 -13.65 4.09 -19.65
CA VAL A 320 -12.97 4.19 -18.36
C VAL A 320 -12.82 2.81 -17.73
N LEU A 321 -13.85 1.98 -17.83
CA LEU A 321 -13.77 0.61 -17.32
C LEU A 321 -12.69 -0.17 -18.06
N ARG A 322 -12.67 -0.08 -19.39
CA ARG A 322 -11.62 -0.73 -20.16
C ARG A 322 -10.24 -0.25 -19.70
N PHE A 323 -10.08 1.06 -19.59
CA PHE A 323 -8.82 1.67 -19.14
C PHE A 323 -8.34 1.05 -17.83
N LEU A 324 -9.20 1.10 -16.80
CA LEU A 324 -8.74 0.72 -15.47
C LEU A 324 -8.54 -0.79 -15.33
N LEU A 325 -9.49 -1.59 -15.85
CA LEU A 325 -9.33 -3.03 -15.77
C LEU A 325 -8.12 -3.51 -16.56
N SER A 326 -7.90 -2.92 -17.73
CA SER A 326 -6.71 -3.25 -18.51
C SER A 326 -5.44 -2.78 -17.81
N ASN A 327 -5.51 -1.69 -17.06
CA ASN A 327 -4.35 -1.26 -16.27
C ASN A 327 -4.00 -2.32 -15.22
N LEU A 328 -5.01 -2.83 -14.52
CA LEU A 328 -4.78 -3.88 -13.54
C LEU A 328 -4.14 -5.12 -14.19
N ARG A 329 -4.75 -5.58 -15.29
CA ARG A 329 -4.19 -6.75 -15.98
C ARG A 329 -2.77 -6.47 -16.49
N TYR A 330 -2.53 -5.25 -16.96
CA TYR A 330 -1.20 -4.89 -17.45
C TYR A 330 -0.16 -5.02 -16.35
N TRP A 331 -0.41 -4.41 -15.19
CA TRP A 331 0.56 -4.52 -14.10
C TRP A 331 0.76 -5.98 -13.73
N MET A 332 -0.33 -6.72 -13.50
CA MET A 332 -0.21 -8.12 -13.08
C MET A 332 0.60 -8.95 -14.07
N ASP A 333 0.24 -8.89 -15.35
CA ASP A 333 0.81 -9.80 -16.33
C ASP A 333 2.21 -9.37 -16.75
N GLU A 334 2.39 -8.08 -17.10
CA GLU A 334 3.66 -7.61 -17.61
C GLU A 334 4.72 -7.45 -16.52
N PHE A 335 4.33 -7.23 -15.25
CA PHE A 335 5.32 -7.02 -14.22
C PHE A 335 5.26 -8.05 -13.10
N MET A 336 4.39 -9.06 -13.22
CA MET A 336 4.36 -10.21 -12.32
C MET A 336 4.13 -9.81 -10.87
N PHE A 337 3.40 -8.71 -10.65
CA PHE A 337 3.03 -8.33 -9.29
C PHE A 337 2.12 -9.38 -8.68
N ASP A 338 2.16 -9.48 -7.35
CA ASP A 338 1.38 -10.47 -6.62
C ASP A 338 0.09 -9.89 -6.04
N GLY A 339 -0.22 -8.64 -6.34
CA GLY A 339 -1.41 -8.00 -5.81
C GLY A 339 -1.21 -6.50 -5.78
N PHE A 340 -2.16 -5.82 -5.14
CA PHE A 340 -2.16 -4.36 -5.12
C PHE A 340 -2.71 -3.85 -3.80
N ARG A 341 -2.44 -2.58 -3.54
CA ARG A 341 -3.17 -1.78 -2.56
C ARG A 341 -3.88 -0.66 -3.32
N PHE A 342 -5.20 -0.68 -3.30
CA PHE A 342 -5.98 0.40 -3.88
C PHE A 342 -5.97 1.58 -2.92
N ASP A 343 -5.43 2.71 -3.35
CA ASP A 343 -5.32 3.89 -2.50
C ASP A 343 -6.53 4.79 -2.70
N GLY A 344 -6.93 5.46 -1.62
CA GLY A 344 -8.05 6.37 -1.67
C GLY A 344 -9.39 5.71 -1.89
N VAL A 345 -9.58 4.51 -1.34
CA VAL A 345 -10.84 3.79 -1.56
C VAL A 345 -12.00 4.50 -0.88
N THR A 346 -11.75 5.15 0.26
CA THR A 346 -12.80 5.91 0.93
C THR A 346 -13.36 7.01 0.03
N SER A 347 -12.48 7.69 -0.70
CA SER A 347 -12.95 8.73 -1.62
C SER A 347 -13.77 8.16 -2.76
N MET A 348 -13.48 6.91 -3.16
CA MET A 348 -14.26 6.27 -4.21
C MET A 348 -15.60 5.75 -3.71
N LEU A 349 -15.68 5.39 -2.42
CA LEU A 349 -16.87 4.74 -1.91
C LEU A 349 -18.05 5.70 -1.73
N TYR A 350 -17.78 6.98 -1.52
CA TYR A 350 -18.83 7.94 -1.19
C TYR A 350 -18.74 9.16 -2.10
N HIS A 351 -19.91 9.72 -2.44
CA HIS A 351 -19.95 10.91 -3.29
C HIS A 351 -19.37 12.13 -2.60
N HIS A 352 -19.36 12.16 -1.26
CA HIS A 352 -18.68 13.20 -0.51
C HIS A 352 -17.22 12.87 -0.25
N HIS A 353 -16.77 11.67 -0.63
CA HIS A 353 -15.39 11.22 -0.53
C HIS A 353 -14.87 11.20 0.90
N GLY A 354 -15.75 11.31 1.89
CA GLY A 354 -15.31 11.39 3.28
C GLY A 354 -14.42 12.58 3.56
N ILE A 355 -14.55 13.66 2.78
CA ILE A 355 -13.60 14.76 2.87
C ILE A 355 -13.66 15.42 4.24
N ASN A 356 -14.86 15.81 4.67
CA ASN A 356 -15.06 16.41 5.99
C ASN A 356 -16.19 15.67 6.70
N LYS A 357 -16.04 14.36 6.82
CA LYS A 357 -17.04 13.51 7.45
C LYS A 357 -16.36 12.40 8.23
N GLY A 358 -16.79 12.23 9.48
CA GLY A 358 -16.37 11.09 10.29
C GLY A 358 -17.45 10.02 10.26
N PHE A 359 -17.02 8.76 10.26
CA PHE A 359 -17.91 7.62 10.20
C PHE A 359 -18.07 7.04 11.61
N THR A 360 -19.24 7.27 12.21
CA THR A 360 -19.50 6.77 13.56
C THR A 360 -19.66 5.27 13.60
N GLY A 361 -19.98 4.64 12.47
CA GLY A 361 -20.32 3.23 12.42
C GLY A 361 -21.79 2.97 12.19
N ASN A 362 -22.63 4.01 12.23
CA ASN A 362 -24.04 3.85 11.89
C ASN A 362 -24.17 3.42 10.44
N TYR A 363 -24.91 2.32 10.22
CA TYR A 363 -24.94 1.69 8.91
C TYR A 363 -25.56 2.56 7.83
N LYS A 364 -26.43 3.51 8.20
CA LYS A 364 -27.00 4.42 7.21
C LYS A 364 -25.95 5.34 6.60
N GLU A 365 -24.80 5.51 7.27
CA GLU A 365 -23.71 6.28 6.69
C GLU A 365 -22.92 5.48 5.66
N TYR A 366 -23.04 4.16 5.68
CA TYR A 366 -22.38 3.30 4.71
C TYR A 366 -23.26 3.02 3.49
N PHE A 367 -24.54 2.74 3.72
CA PHE A 367 -25.47 2.30 2.68
C PHE A 367 -26.57 3.35 2.55
N SER A 368 -26.37 4.27 1.60
CA SER A 368 -27.32 5.33 1.31
C SER A 368 -27.15 5.70 -0.16
N LEU A 369 -27.73 6.83 -0.56
CA LEU A 369 -27.46 7.38 -1.88
C LEU A 369 -26.23 8.28 -1.89
N ASP A 370 -25.59 8.47 -0.73
CA ASP A 370 -24.22 8.99 -0.71
C ASP A 370 -23.22 7.94 -1.16
N THR A 371 -23.63 6.67 -1.19
CA THR A 371 -22.76 5.59 -1.64
C THR A 371 -22.61 5.65 -3.16
N ASP A 372 -21.35 5.62 -3.62
CA ASP A 372 -21.04 5.68 -5.04
C ASP A 372 -21.15 4.28 -5.63
N VAL A 373 -22.22 4.01 -6.36
CA VAL A 373 -22.42 2.68 -6.92
C VAL A 373 -21.53 2.43 -8.12
N ASP A 374 -21.23 3.45 -8.92
CA ASP A 374 -20.34 3.27 -10.07
C ASP A 374 -18.98 2.76 -9.63
N ALA A 375 -18.38 3.41 -8.63
CA ALA A 375 -17.05 3.02 -8.17
C ALA A 375 -17.05 1.65 -7.53
N ILE A 376 -18.11 1.32 -6.79
CA ILE A 376 -18.18 0.00 -6.16
C ILE A 376 -18.34 -1.08 -7.22
N VAL A 377 -19.14 -0.82 -8.26
CA VAL A 377 -19.27 -1.77 -9.36
C VAL A 377 -17.93 -1.98 -10.04
N TYR A 378 -17.18 -0.89 -10.26
CA TYR A 378 -15.85 -1.04 -10.85
C TYR A 378 -14.94 -1.87 -9.95
N MET A 379 -14.96 -1.61 -8.64
CA MET A 379 -14.08 -2.35 -7.74
C MET A 379 -14.46 -3.82 -7.66
N MET A 380 -15.74 -4.14 -7.76
CA MET A 380 -16.18 -5.53 -7.78
C MET A 380 -15.71 -6.23 -9.05
N LEU A 381 -15.91 -5.58 -10.20
CA LEU A 381 -15.37 -6.11 -11.46
C LEU A 381 -13.86 -6.32 -11.36
N ALA A 382 -13.16 -5.36 -10.76
CA ALA A 382 -11.72 -5.44 -10.65
C ALA A 382 -11.28 -6.61 -9.78
N ASN A 383 -11.93 -6.79 -8.63
CA ASN A 383 -11.55 -7.87 -7.74
C ASN A 383 -11.88 -9.23 -8.33
N HIS A 384 -13.04 -9.35 -8.98
CA HIS A 384 -13.37 -10.60 -9.66
C HIS A 384 -12.33 -10.94 -10.72
N LEU A 385 -12.00 -9.95 -11.57
CA LEU A 385 -11.02 -10.19 -12.63
C LEU A 385 -9.66 -10.57 -12.05
N MET A 386 -9.20 -9.82 -11.04
CA MET A 386 -7.86 -10.06 -10.51
C MET A 386 -7.76 -11.39 -9.80
N HIS A 387 -8.82 -11.79 -9.07
CA HIS A 387 -8.78 -13.08 -8.39
C HIS A 387 -8.98 -14.24 -9.35
N LYS A 388 -9.62 -14.02 -10.51
CA LYS A 388 -9.67 -15.09 -11.49
C LYS A 388 -8.36 -15.20 -12.28
N LEU A 389 -7.67 -14.08 -12.50
CA LEU A 389 -6.38 -14.13 -13.15
C LEU A 389 -5.32 -14.70 -12.21
N LEU A 390 -5.44 -14.45 -10.92
CA LEU A 390 -4.45 -14.89 -9.93
C LEU A 390 -5.17 -15.12 -8.61
N PRO A 391 -5.62 -16.35 -8.36
CA PRO A 391 -6.37 -16.62 -7.12
C PRO A 391 -5.58 -16.33 -5.85
N GLU A 392 -4.25 -16.41 -5.92
CA GLU A 392 -3.38 -16.14 -4.79
C GLU A 392 -3.05 -14.66 -4.62
N ALA A 393 -3.69 -13.78 -5.39
CA ALA A 393 -3.43 -12.36 -5.30
C ALA A 393 -4.03 -11.79 -4.02
N THR A 394 -3.32 -10.80 -3.46
CA THR A 394 -3.77 -10.07 -2.28
C THR A 394 -4.09 -8.65 -2.70
N ILE A 395 -5.35 -8.25 -2.54
CA ILE A 395 -5.80 -6.90 -2.88
C ILE A 395 -6.16 -6.19 -1.57
N VAL A 396 -5.45 -5.09 -1.30
CA VAL A 396 -5.61 -4.35 -0.05
C VAL A 396 -6.35 -3.05 -0.36
N ALA A 397 -7.26 -2.68 0.53
CA ALA A 397 -8.04 -1.45 0.40
C ALA A 397 -7.61 -0.46 1.47
N GLU A 398 -7.26 0.75 1.04
CA GLU A 398 -6.92 1.84 1.96
C GLU A 398 -8.19 2.63 2.22
N ASP A 399 -8.88 2.29 3.32
CA ASP A 399 -10.18 2.86 3.62
C ASP A 399 -10.27 3.18 5.10
N VAL A 400 -10.56 4.45 5.43
CA VAL A 400 -10.70 4.86 6.82
C VAL A 400 -12.11 4.65 7.33
N SER A 401 -13.10 4.52 6.44
CA SER A 401 -14.49 4.53 6.88
C SER A 401 -14.87 3.23 7.58
N GLY A 402 -14.21 2.13 7.26
CA GLY A 402 -14.61 0.85 7.82
C GLY A 402 -15.88 0.31 7.20
N MET A 403 -16.06 0.52 5.90
CA MET A 403 -17.24 0.07 5.18
C MET A 403 -17.42 -1.43 5.35
N PRO A 404 -18.56 -1.89 5.85
CA PRO A 404 -18.75 -3.33 6.05
C PRO A 404 -18.78 -4.08 4.72
N VAL A 405 -18.25 -5.31 4.75
CA VAL A 405 -18.36 -6.24 3.63
C VAL A 405 -17.47 -5.76 2.48
N LEU A 406 -16.75 -4.66 2.71
CA LEU A 406 -15.74 -4.20 1.76
C LEU A 406 -14.72 -5.30 1.45
N CYS A 407 -14.40 -6.14 2.44
CA CYS A 407 -13.40 -7.18 2.30
C CYS A 407 -14.04 -8.58 2.30
N ARG A 408 -15.22 -8.69 1.73
CA ARG A 408 -15.85 -9.98 1.47
C ARG A 408 -15.82 -10.26 -0.04
N PRO A 409 -15.74 -11.53 -0.44
CA PRO A 409 -15.67 -11.84 -1.88
C PRO A 409 -16.86 -11.29 -2.65
N VAL A 410 -16.65 -11.12 -3.96
CA VAL A 410 -17.70 -10.58 -4.81
C VAL A 410 -18.88 -11.54 -4.89
N ASP A 411 -18.61 -12.85 -4.88
CA ASP A 411 -19.67 -13.84 -5.02
C ASP A 411 -20.59 -13.92 -3.80
N GLU A 412 -20.22 -13.29 -2.69
CA GLU A 412 -21.06 -13.22 -1.51
C GLU A 412 -21.87 -11.93 -1.43
N GLY A 413 -21.64 -11.00 -2.35
CA GLY A 413 -22.20 -9.66 -2.26
C GLY A 413 -21.22 -8.61 -1.83
N GLY A 414 -19.95 -8.97 -1.63
CA GLY A 414 -18.95 -8.05 -1.15
C GLY A 414 -18.28 -7.26 -2.25
N VAL A 415 -17.34 -6.41 -1.84
CA VAL A 415 -16.61 -5.59 -2.81
C VAL A 415 -15.45 -6.37 -3.41
N GLY A 416 -14.88 -7.32 -2.66
CA GLY A 416 -13.89 -8.24 -3.19
C GLY A 416 -12.49 -8.09 -2.66
N PHE A 417 -12.22 -7.11 -1.79
CA PHE A 417 -10.88 -6.94 -1.27
C PHE A 417 -10.55 -8.06 -0.28
N ASP A 418 -9.26 -8.35 -0.15
CA ASP A 418 -8.80 -9.36 0.79
C ASP A 418 -8.51 -8.78 2.17
N PHE A 419 -7.88 -7.62 2.22
CA PHE A 419 -7.49 -6.99 3.47
C PHE A 419 -7.87 -5.52 3.46
N ARG A 420 -8.02 -4.96 4.66
N ARG A 420 -8.03 -4.97 4.67
CA ARG A 420 -8.25 -3.54 4.86
CA ARG A 420 -8.25 -3.55 4.87
C ARG A 420 -7.18 -2.97 5.78
C ARG A 420 -7.12 -3.01 5.74
N LEU A 421 -6.70 -1.78 5.46
CA LEU A 421 -5.71 -1.13 6.31
C LEU A 421 -6.38 -0.66 7.59
N ALA A 422 -5.83 -1.07 8.72
CA ALA A 422 -6.36 -0.67 10.03
C ALA A 422 -5.79 0.71 10.36
N MET A 423 -6.48 1.74 9.88
CA MET A 423 -5.94 3.10 9.85
C MET A 423 -6.22 3.89 11.13
N ALA A 424 -6.83 3.28 12.15
CA ALA A 424 -7.17 4.01 13.37
C ALA A 424 -6.09 3.93 14.43
N ILE A 425 -5.23 2.90 14.39
CA ILE A 425 -4.23 2.73 15.44
C ILE A 425 -3.20 3.85 15.46
N PRO A 426 -2.61 4.27 14.33
CA PRO A 426 -1.55 5.29 14.40
C PRO A 426 -1.95 6.56 15.14
N ASP A 427 -3.13 7.10 14.87
CA ASP A 427 -3.54 8.34 15.54
C ASP A 427 -3.73 8.14 17.03
N ARG A 428 -4.19 6.96 17.46
CA ARG A 428 -4.26 6.68 18.89
C ARG A 428 -2.87 6.70 19.52
N TRP A 429 -1.91 6.06 18.86
CA TRP A 429 -0.53 6.10 19.38
C TRP A 429 0.01 7.52 19.42
N ILE A 430 -0.30 8.32 18.39
CA ILE A 430 0.17 9.71 18.35
C ILE A 430 -0.42 10.50 19.51
N ASP A 431 -1.72 10.34 19.76
CA ASP A 431 -2.35 11.05 20.88
C ASP A 431 -1.73 10.65 22.20
N TYR A 432 -1.48 9.35 22.41
CA TYR A 432 -0.84 8.91 23.64
C TYR A 432 0.55 9.51 23.80
N LEU A 433 1.34 9.50 22.73
CA LEU A 433 2.71 10.01 22.84
C LEU A 433 2.73 11.52 23.03
N LYS A 434 1.72 12.23 22.51
CA LYS A 434 1.76 13.69 22.51
C LYS A 434 1.12 14.31 23.75
N ASN A 435 0.02 13.74 24.26
CA ASN A 435 -0.76 14.44 25.27
C ASN A 435 -1.07 13.58 26.50
N LYS A 436 -0.30 12.52 26.73
CA LYS A 436 -0.52 11.68 27.91
C LYS A 436 0.81 11.26 28.52
N GLU A 437 0.95 11.46 29.82
CA GLU A 437 2.11 11.00 30.57
C GLU A 437 2.05 9.48 30.73
N ASP A 438 3.23 8.86 30.80
CA ASP A 438 3.34 7.40 30.72
C ASP A 438 2.47 6.71 31.77
N ARG A 439 2.32 7.31 32.95
CA ARG A 439 1.50 6.69 33.97
C ARG A 439 0.01 6.98 33.80
N LYS A 440 -0.37 7.71 32.75
CA LYS A 440 -1.78 7.93 32.48
C LYS A 440 -2.23 7.30 31.16
N TRP A 441 -1.45 6.35 30.63
CA TRP A 441 -1.82 5.70 29.39
C TRP A 441 -2.91 4.65 29.67
N PRO A 442 -4.03 4.68 28.96
CA PRO A 442 -5.11 3.73 29.21
C PRO A 442 -4.86 2.40 28.50
N MET A 443 -4.75 1.33 29.28
CA MET A 443 -4.64 0.01 28.68
C MET A 443 -5.96 -0.44 28.06
N SER A 444 -7.08 -0.03 28.66
CA SER A 444 -8.39 -0.33 28.10
C SER A 444 -8.51 0.21 26.68
N GLU A 445 -8.17 1.47 26.49
CA GLU A 445 -8.33 2.10 25.19
C GLU A 445 -7.38 1.48 24.17
N ILE A 446 -6.17 1.11 24.59
CA ILE A 446 -5.21 0.44 23.69
C ILE A 446 -5.78 -0.89 23.22
N VAL A 447 -6.22 -1.73 24.17
CA VAL A 447 -6.71 -3.06 23.81
C VAL A 447 -7.95 -2.94 22.92
N GLN A 448 -8.86 -2.03 23.26
CA GLN A 448 -10.08 -1.91 22.47
C GLN A 448 -9.79 -1.34 21.08
N THR A 449 -8.82 -0.43 20.96
CA THR A 449 -8.44 0.06 19.65
C THR A 449 -7.84 -1.04 18.80
N LEU A 450 -7.02 -1.90 19.41
CA LEU A 450 -6.40 -2.97 18.64
C LEU A 450 -7.38 -4.07 18.27
N THR A 451 -8.42 -4.28 19.08
CA THR A 451 -9.31 -5.43 18.91
C THR A 451 -10.68 -5.09 18.35
N ASN A 452 -11.09 -3.82 18.36
CA ASN A 452 -12.41 -3.46 17.86
C ASN A 452 -12.36 -3.42 16.33
N ARG A 453 -12.72 -4.52 15.71
CA ARG A 453 -12.74 -4.63 14.26
C ARG A 453 -13.75 -5.70 13.87
N ARG A 454 -14.10 -5.72 12.58
CA ARG A 454 -14.99 -6.75 12.05
C ARG A 454 -14.18 -8.02 11.83
N TYR A 455 -14.52 -9.07 12.59
CA TYR A 455 -13.73 -10.30 12.59
C TYR A 455 -14.09 -11.25 11.47
N THR A 456 -15.12 -10.95 10.68
CA THR A 456 -15.36 -11.69 9.45
C THR A 456 -14.54 -11.16 8.28
N GLU A 457 -13.79 -10.09 8.48
CA GLU A 457 -13.02 -9.44 7.42
C GLU A 457 -11.61 -9.19 7.93
N LYS A 458 -10.62 -9.49 7.09
CA LYS A 458 -9.23 -9.42 7.51
C LYS A 458 -8.71 -7.98 7.47
N CYS A 459 -7.69 -7.74 8.30
N CYS A 459 -7.71 -7.70 8.31
CA CYS A 459 -7.15 -6.40 8.55
CA CYS A 459 -7.18 -6.36 8.38
C CYS A 459 -5.64 -6.47 8.58
C CYS A 459 -5.67 -6.42 8.64
N ILE A 460 -4.99 -5.36 8.21
CA ILE A 460 -3.55 -5.22 8.32
C ILE A 460 -3.26 -4.09 9.31
N ALA A 461 -2.60 -4.42 10.40
CA ALA A 461 -2.31 -3.45 11.45
C ALA A 461 -0.92 -2.85 11.26
N TYR A 462 -0.77 -1.61 11.73
CA TYR A 462 0.51 -0.92 11.67
C TYR A 462 0.46 0.26 12.64
N ALA A 463 1.58 0.49 13.33
CA ALA A 463 1.66 1.63 14.23
C ALA A 463 1.96 2.92 13.49
N GLU A 464 2.64 2.85 12.35
CA GLU A 464 2.92 4.04 11.56
C GLU A 464 3.19 3.65 10.12
N SER A 465 2.59 4.38 9.19
CA SER A 465 2.84 4.17 7.78
C SER A 465 3.61 5.38 7.23
N HIS A 466 3.62 5.51 5.90
CA HIS A 466 4.35 6.61 5.28
C HIS A 466 3.72 7.96 5.62
N ASP A 467 2.39 8.01 5.79
CA ASP A 467 1.73 9.29 6.09
C ASP A 467 2.13 9.84 7.44
N GLN A 468 2.50 8.96 8.38
CA GLN A 468 3.01 9.40 9.69
C GLN A 468 4.46 9.87 9.61
N SER A 469 5.01 9.99 8.40
CA SER A 469 6.33 10.57 8.21
C SER A 469 6.30 11.90 7.45
N ILE A 470 5.16 12.23 6.84
CA ILE A 470 5.07 13.41 5.98
C ILE A 470 4.06 14.40 6.55
N VAL A 471 3.93 15.55 5.88
CA VAL A 471 3.03 16.66 6.18
C VAL A 471 2.77 16.82 7.68
N GLY A 472 3.80 17.19 8.42
CA GLY A 472 3.66 17.53 9.82
C GLY A 472 3.70 16.38 10.79
N ASP A 473 3.94 15.16 10.32
CA ASP A 473 3.99 13.99 11.18
C ASP A 473 5.43 13.54 11.38
N LYS A 474 5.74 13.13 12.61
CA LYS A 474 7.04 12.60 12.96
C LYS A 474 6.95 11.11 13.23
N THR A 475 8.08 10.42 13.12
CA THR A 475 8.12 9.00 13.45
C THR A 475 7.87 8.80 14.94
N ILE A 476 7.39 7.59 15.27
CA ILE A 476 7.15 7.25 16.68
C ILE A 476 8.45 7.35 17.48
N ALA A 477 9.56 6.89 16.89
CA ALA A 477 10.85 7.02 17.56
C ALA A 477 11.18 8.47 17.84
N PHE A 478 10.91 9.36 16.88
CA PHE A 478 11.16 10.77 17.13
C PHE A 478 10.16 11.33 18.14
N LEU A 479 8.87 11.00 18.00
CA LEU A 479 7.90 11.41 19.00
C LEU A 479 8.33 11.00 20.41
N LEU A 480 9.13 9.94 20.51
CA LEU A 480 9.56 9.46 21.82
C LEU A 480 10.81 10.19 22.30
N MET A 481 11.79 10.38 21.41
CA MET A 481 13.11 10.82 21.85
C MET A 481 13.54 12.19 21.33
N ASP A 482 13.05 12.62 20.17
CA ASP A 482 13.25 13.98 19.62
C ASP A 482 14.74 14.25 19.45
N LYS A 483 15.21 15.44 19.81
CA LYS A 483 16.58 15.87 19.56
C LYS A 483 17.61 14.99 20.26
N GLU A 484 17.21 14.29 21.32
CA GLU A 484 18.16 13.41 22.01
C GLU A 484 18.67 12.31 21.09
N MET A 485 17.94 12.00 20.02
CA MET A 485 18.42 11.01 19.05
C MET A 485 19.67 11.50 18.33
N TYR A 486 19.83 12.81 18.18
CA TYR A 486 20.97 13.34 17.44
C TYR A 486 22.30 13.01 18.12
N THR A 487 22.31 13.02 19.46
CA THR A 487 23.55 12.87 20.21
C THR A 487 23.59 11.64 21.10
N GLY A 488 22.46 11.05 21.47
CA GLY A 488 22.45 10.02 22.49
C GLY A 488 22.16 8.61 22.03
N MET A 489 22.56 8.26 20.80
CA MET A 489 22.28 6.95 20.25
C MET A 489 23.54 6.11 20.08
N SER A 490 24.63 6.47 20.76
CA SER A 490 25.86 5.70 20.67
C SER A 490 25.81 4.50 21.63
N ASP A 491 26.34 3.37 21.15
CA ASP A 491 26.38 2.14 21.94
C ASP A 491 27.60 2.08 22.84
N LEU A 492 28.52 3.04 22.75
CA LEU A 492 29.71 3.07 23.59
C LEU A 492 29.52 3.86 24.86
N GLN A 493 28.33 4.41 25.08
N GLN A 493 28.35 4.46 25.08
CA GLN A 493 28.03 5.20 26.25
CA GLN A 493 28.05 5.22 26.27
C GLN A 493 26.70 4.75 26.84
C GLN A 493 26.70 4.80 26.83
N PRO A 494 26.49 4.95 28.14
CA PRO A 494 25.18 4.63 28.72
C PRO A 494 24.10 5.51 28.14
N ALA A 495 23.02 4.89 27.70
CA ALA A 495 21.90 5.63 27.16
C ALA A 495 21.23 6.43 28.26
N SER A 496 20.85 7.67 27.95
CA SER A 496 20.09 8.48 28.87
C SER A 496 18.74 7.84 29.13
N PRO A 497 18.05 8.23 30.21
CA PRO A 497 16.70 7.68 30.44
C PRO A 497 15.76 7.87 29.26
N THR A 498 15.86 9.00 28.57
CA THR A 498 14.99 9.25 27.41
C THR A 498 15.24 8.23 26.30
N ILE A 499 16.52 7.91 26.03
CA ILE A 499 16.83 6.99 24.94
C ILE A 499 16.38 5.58 25.27
N ASN A 500 16.65 5.12 26.50
CA ASN A 500 16.19 3.80 26.92
C ASN A 500 14.67 3.72 26.83
N ARG A 501 13.98 4.73 27.37
CA ARG A 501 12.52 4.78 27.29
C ARG A 501 12.06 4.69 25.83
N GLY A 502 12.68 5.48 24.95
CA GLY A 502 12.22 5.52 23.57
C GLY A 502 12.41 4.21 22.85
N ILE A 503 13.59 3.60 22.99
CA ILE A 503 13.85 2.31 22.34
C ILE A 503 12.87 1.26 22.84
N ALA A 504 12.70 1.18 24.17
CA ALA A 504 11.80 0.19 24.75
C ALA A 504 10.37 0.40 24.25
N LEU A 505 9.88 1.64 24.30
CA LEU A 505 8.50 1.90 23.93
C LEU A 505 8.28 1.73 22.44
N GLN A 506 9.28 2.00 21.61
CA GLN A 506 9.15 1.73 20.18
C GLN A 506 8.96 0.24 19.94
N LYS A 507 9.84 -0.58 20.52
CA LYS A 507 9.66 -2.03 20.42
C LYS A 507 8.27 -2.45 20.90
N MET A 508 7.83 -1.87 22.03
CA MET A 508 6.55 -2.26 22.62
C MET A 508 5.38 -1.93 21.72
N ILE A 509 5.33 -0.69 21.23
CA ILE A 509 4.23 -0.25 20.37
C ILE A 509 4.16 -1.12 19.12
N HIS A 510 5.30 -1.30 18.45
CA HIS A 510 5.30 -2.12 17.24
C HIS A 510 4.83 -3.54 17.52
N PHE A 511 5.35 -4.15 18.59
CA PHE A 511 5.03 -5.55 18.86
C PHE A 511 3.56 -5.73 19.22
N ILE A 512 3.00 -4.85 20.05
CA ILE A 512 1.61 -5.03 20.43
C ILE A 512 0.70 -4.76 19.25
N THR A 513 1.02 -3.75 18.43
CA THR A 513 0.22 -3.50 17.25
C THR A 513 0.20 -4.71 16.34
N MET A 514 1.36 -5.32 16.12
CA MET A 514 1.42 -6.52 15.27
C MET A 514 0.60 -7.66 15.89
N ALA A 515 0.87 -8.00 17.16
CA ALA A 515 0.32 -9.21 17.74
C ALA A 515 -1.17 -9.10 18.05
N LEU A 516 -1.72 -7.89 18.20
CA LEU A 516 -3.09 -7.73 18.64
C LEU A 516 -3.96 -6.96 17.65
N GLY A 517 -3.39 -6.31 16.65
CA GLY A 517 -4.15 -5.39 15.82
C GLY A 517 -4.83 -5.95 14.59
N GLY A 518 -4.51 -7.18 14.18
CA GLY A 518 -5.20 -7.72 13.02
C GLY A 518 -4.58 -9.00 12.51
N ASP A 519 -4.76 -9.22 11.21
CA ASP A 519 -4.37 -10.45 10.54
C ASP A 519 -3.19 -10.25 9.61
N GLY A 520 -2.53 -9.10 9.70
CA GLY A 520 -1.36 -8.80 8.90
C GLY A 520 -0.69 -7.57 9.46
N TYR A 521 0.58 -7.42 9.12
CA TYR A 521 1.39 -6.33 9.65
C TYR A 521 2.01 -5.55 8.52
N LEU A 522 2.16 -4.24 8.72
CA LEU A 522 2.80 -3.36 7.76
C LEU A 522 3.79 -2.47 8.47
N ASN A 523 4.95 -2.25 7.83
CA ASN A 523 5.98 -1.37 8.37
C ASN A 523 6.58 -0.57 7.22
N PHE A 524 6.70 0.74 7.40
CA PHE A 524 7.24 1.58 6.35
C PHE A 524 8.76 1.66 6.44
N MET A 525 9.40 1.62 5.28
CA MET A 525 10.85 1.67 5.10
C MET A 525 11.55 2.64 6.04
N GLY A 526 12.37 2.11 6.96
CA GLY A 526 13.16 2.89 7.88
C GLY A 526 12.67 2.84 9.32
N ASN A 527 11.36 2.72 9.51
CA ASN A 527 10.79 2.72 10.86
C ASN A 527 11.14 1.44 11.64
N GLU A 528 11.64 0.41 10.97
CA GLU A 528 11.96 -0.82 11.67
C GLU A 528 13.14 -0.65 12.62
N PHE A 529 14.03 0.31 12.35
CA PHE A 529 15.15 0.59 13.23
C PHE A 529 15.04 1.97 13.89
N GLY A 530 13.85 2.54 13.91
CA GLY A 530 13.65 3.83 14.54
C GLY A 530 14.33 4.98 13.84
N HIS A 531 14.21 5.05 12.51
CA HIS A 531 14.80 6.12 11.74
C HIS A 531 14.37 7.47 12.31
N PRO A 532 15.29 8.40 12.51
CA PRO A 532 14.94 9.66 13.16
C PRO A 532 14.19 10.61 12.24
N GLU A 533 13.66 11.66 12.85
CA GLU A 533 13.09 12.81 12.15
C GLU A 533 11.86 12.47 11.32
N TRP A 534 11.85 12.89 10.06
CA TRP A 534 10.66 12.87 9.22
C TRP A 534 11.09 12.90 7.77
N ILE A 535 10.11 12.81 6.86
CA ILE A 535 10.35 12.85 5.42
C ILE A 535 9.87 14.18 4.88
N ASP A 536 10.76 14.90 4.19
CA ASP A 536 10.43 16.16 3.54
C ASP A 536 10.90 16.09 2.10
N PHE A 537 9.98 16.28 1.16
CA PHE A 537 10.31 16.22 -0.25
C PHE A 537 10.96 17.53 -0.71
N PRO A 538 11.74 17.47 -1.79
CA PRO A 538 12.27 18.70 -2.37
C PRO A 538 11.13 19.63 -2.79
N ARG A 539 11.26 20.91 -2.42
CA ARG A 539 10.22 21.89 -2.68
C ARG A 539 10.85 23.27 -2.67
N GLU A 540 10.03 24.28 -2.97
CA GLU A 540 10.52 25.65 -2.97
C GLU A 540 10.98 26.08 -1.58
N GLY A 541 10.27 25.63 -0.53
CA GLY A 541 10.54 26.06 0.82
C GLY A 541 11.87 25.60 1.37
N ASN A 542 12.43 24.51 0.84
CA ASN A 542 13.74 24.03 1.26
C ASN A 542 14.76 24.10 0.12
N ASN A 543 14.49 24.90 -0.91
CA ASN A 543 15.34 25.02 -2.10
C ASN A 543 15.55 23.64 -2.75
N TRP A 544 14.50 22.82 -2.74
CA TRP A 544 14.50 21.51 -3.39
C TRP A 544 15.62 20.63 -2.85
N SER A 545 15.72 20.54 -1.53
CA SER A 545 16.71 19.71 -0.88
C SER A 545 16.21 18.27 -0.75
N TYR A 546 17.12 17.32 -0.96
CA TYR A 546 16.84 15.91 -0.75
C TYR A 546 17.33 15.42 0.61
N ASP A 547 17.68 16.33 1.51
CA ASP A 547 18.28 15.95 2.78
C ASP A 547 17.37 15.06 3.60
N LYS A 548 16.06 15.34 3.58
CA LYS A 548 15.07 14.54 4.29
C LYS A 548 14.19 13.76 3.33
N CYS A 549 14.75 13.34 2.21
CA CYS A 549 14.07 12.53 1.19
C CYS A 549 14.91 11.31 0.86
N ARG A 550 15.31 10.58 1.90
CA ARG A 550 16.27 9.49 1.79
C ARG A 550 16.18 8.64 3.04
N ARG A 551 17.00 7.60 3.10
CA ARG A 551 17.05 6.70 4.25
C ARG A 551 18.49 6.55 4.70
N GLN A 552 18.75 6.90 5.96
CA GLN A 552 20.10 6.82 6.53
C GLN A 552 20.36 5.40 7.01
N TRP A 553 20.58 4.50 6.04
CA TRP A 553 20.96 3.13 6.37
C TRP A 553 22.26 3.08 7.17
N SER A 554 23.08 4.13 7.07
CA SER A 554 24.30 4.23 7.87
C SER A 554 24.02 4.00 9.34
N LEU A 555 22.89 4.52 9.85
CA LEU A 555 22.62 4.45 11.28
C LEU A 555 22.38 3.01 11.73
N VAL A 556 21.62 2.24 10.95
CA VAL A 556 21.35 0.86 11.33
C VAL A 556 22.53 -0.05 11.02
N ASP A 557 23.38 0.31 10.05
CA ASP A 557 24.52 -0.53 9.71
C ASP A 557 25.69 -0.38 10.68
N THR A 558 25.72 0.71 11.43
CA THR A 558 26.87 0.99 12.30
C THR A 558 26.76 0.20 13.60
N ASP A 559 27.81 -0.56 13.92
CA ASP A 559 27.75 -1.47 15.06
C ASP A 559 27.79 -0.74 16.39
N HIS A 560 28.41 0.45 16.44
CA HIS A 560 28.55 1.19 17.69
C HIS A 560 27.44 2.22 17.90
N LEU A 561 26.32 2.06 17.21
CA LEU A 561 25.12 2.84 17.45
C LEU A 561 24.01 1.91 17.98
N ARG A 562 22.89 2.53 18.35
CA ARG A 562 21.81 1.81 19.02
C ARG A 562 20.62 1.48 18.11
N TYR A 563 20.61 1.98 16.87
CA TYR A 563 19.51 1.65 15.96
C TYR A 563 19.49 0.15 15.64
N LYS A 564 20.67 -0.49 15.67
CA LYS A 564 20.76 -1.93 15.48
C LYS A 564 19.86 -2.69 16.44
N TYR A 565 19.61 -2.15 17.63
CA TYR A 565 18.77 -2.83 18.62
C TYR A 565 17.33 -2.90 18.15
N MET A 566 16.76 -1.76 17.75
CA MET A 566 15.39 -1.76 17.25
C MET A 566 15.28 -2.59 15.97
N ASN A 567 16.30 -2.55 15.11
CA ASN A 567 16.26 -3.38 13.91
C ASN A 567 16.27 -4.87 14.25
N ALA A 568 17.12 -5.27 15.18
CA ALA A 568 17.20 -6.68 15.57
C ALA A 568 15.90 -7.14 16.20
N PHE A 569 15.26 -6.28 17.00
CA PHE A 569 13.98 -6.66 17.58
C PHE A 569 12.92 -6.81 16.49
N ASP A 570 12.89 -5.90 15.52
CA ASP A 570 11.95 -6.03 14.41
C ASP A 570 12.15 -7.35 13.67
N GLN A 571 13.42 -7.68 13.39
CA GLN A 571 13.73 -8.92 12.68
C GLN A 571 13.28 -10.15 13.48
N ALA A 572 13.60 -10.18 14.78
CA ALA A 572 13.21 -11.32 15.60
C ALA A 572 11.70 -11.41 15.77
N MET A 573 11.01 -10.27 15.77
CA MET A 573 9.56 -10.27 15.89
C MET A 573 8.92 -10.86 14.63
N ASN A 574 9.42 -10.48 13.45
CA ASN A 574 8.91 -11.07 12.23
C ASN A 574 9.22 -12.57 12.17
N ALA A 575 10.42 -12.97 12.63
CA ALA A 575 10.75 -14.39 12.65
C ALA A 575 9.85 -15.16 13.62
N LEU A 576 9.50 -14.53 14.75
CA LEU A 576 8.57 -15.14 15.69
C LEU A 576 7.21 -15.36 15.04
N GLU A 577 6.71 -14.36 14.32
CA GLU A 577 5.46 -14.55 13.61
C GLU A 577 5.57 -15.67 12.57
N GLU A 578 6.71 -15.75 11.89
CA GLU A 578 6.90 -16.81 10.91
C GLU A 578 6.85 -18.19 11.57
N GLU A 579 7.43 -18.32 12.76
CA GLU A 579 7.48 -19.64 13.39
C GLU A 579 6.15 -20.02 14.03
N PHE A 580 5.44 -19.05 14.63
CA PHE A 580 4.24 -19.38 15.40
C PHE A 580 2.94 -19.05 14.68
N SER A 581 2.97 -18.28 13.59
CA SER A 581 1.81 -18.00 12.77
C SER A 581 0.67 -17.35 13.56
N PHE A 582 1.00 -16.49 14.53
CA PHE A 582 -0.05 -15.92 15.37
C PHE A 582 -0.89 -14.87 14.66
N LEU A 583 -0.45 -14.35 13.51
CA LEU A 583 -1.27 -13.41 12.76
C LEU A 583 -2.41 -14.10 12.03
N SER A 584 -2.27 -15.38 11.70
CA SER A 584 -3.29 -16.13 10.98
C SER A 584 -4.09 -17.05 11.89
N SER A 585 -4.13 -16.74 13.19
CA SER A 585 -4.84 -17.57 14.17
C SER A 585 -6.00 -16.76 14.75
N SER A 586 -7.18 -17.38 14.80
CA SER A 586 -8.36 -16.74 15.36
C SER A 586 -8.37 -16.77 16.88
N LYS A 587 -7.45 -17.49 17.50
CA LYS A 587 -7.38 -17.57 18.97
C LYS A 587 -6.73 -16.29 19.49
N GLN A 588 -7.55 -15.37 20.00
CA GLN A 588 -7.08 -14.09 20.51
C GLN A 588 -7.83 -13.81 21.81
N ILE A 589 -7.21 -14.17 22.93
CA ILE A 589 -7.80 -14.00 24.26
C ILE A 589 -6.93 -13.03 25.04
N VAL A 590 -7.51 -11.91 25.46
CA VAL A 590 -6.86 -10.97 26.35
C VAL A 590 -7.24 -11.37 27.78
N SER A 591 -6.31 -12.03 28.47
CA SER A 591 -6.61 -12.68 29.75
C SER A 591 -6.36 -11.79 30.96
N ASP A 592 -5.74 -10.62 30.78
CA ASP A 592 -5.52 -9.71 31.90
C ASP A 592 -5.25 -8.31 31.36
N MET A 593 -5.85 -7.32 31.99
CA MET A 593 -5.64 -5.92 31.62
C MET A 593 -5.60 -5.10 32.90
N ASN A 594 -4.45 -5.11 33.55
CA ASN A 594 -4.25 -4.41 34.81
C ASN A 594 -4.05 -2.93 34.51
N GLU A 595 -5.11 -2.14 34.70
CA GLU A 595 -5.04 -0.71 34.43
C GLU A 595 -4.22 0.03 35.49
N LYS A 596 -4.29 -0.41 36.74
CA LYS A 596 -3.53 0.24 37.80
C LYS A 596 -2.04 -0.02 37.64
N ASP A 597 -1.66 -1.26 37.32
CA ASP A 597 -0.26 -1.63 37.14
C ASP A 597 0.24 -1.44 35.71
N LYS A 598 -0.64 -1.09 34.77
CA LYS A 598 -0.28 -0.85 33.38
C LYS A 598 0.34 -2.10 32.76
N VAL A 599 -0.41 -3.20 32.82
CA VAL A 599 0.04 -4.49 32.30
C VAL A 599 -1.05 -5.06 31.40
N ILE A 600 -0.64 -5.62 30.26
CA ILE A 600 -1.55 -6.27 29.33
C ILE A 600 -1.05 -7.68 29.07
N VAL A 601 -1.85 -8.68 29.44
CA VAL A 601 -1.54 -10.08 29.21
C VAL A 601 -2.61 -10.63 28.28
N PHE A 602 -2.19 -11.13 27.12
CA PHE A 602 -3.14 -11.73 26.19
C PHE A 602 -2.54 -12.99 25.59
N GLU A 603 -3.37 -13.72 24.86
CA GLU A 603 -2.97 -14.95 24.18
C GLU A 603 -3.27 -14.82 22.69
N ARG A 604 -2.27 -15.09 21.86
CA ARG A 604 -2.47 -15.10 20.42
C ARG A 604 -1.74 -16.29 19.84
N GLY A 605 -2.43 -17.03 18.98
CA GLY A 605 -1.88 -18.29 18.52
C GLY A 605 -1.57 -19.19 19.70
N ASP A 606 -0.37 -19.76 19.68
CA ASP A 606 0.12 -20.58 20.79
C ASP A 606 1.08 -19.80 21.69
N LEU A 607 0.95 -18.47 21.74
CA LEU A 607 1.87 -17.62 22.48
C LEU A 607 1.13 -16.79 23.52
N VAL A 608 1.79 -16.58 24.65
CA VAL A 608 1.28 -15.75 25.74
C VAL A 608 2.11 -14.48 25.80
N PHE A 609 1.47 -13.34 25.61
CA PHE A 609 2.14 -12.05 25.54
C PHE A 609 1.93 -11.28 26.83
N VAL A 610 3.03 -10.83 27.43
CA VAL A 610 3.03 -10.01 28.63
C VAL A 610 3.68 -8.68 28.28
N PHE A 611 2.92 -7.60 28.42
CA PHE A 611 3.37 -6.24 28.14
C PHE A 611 3.31 -5.44 29.42
N ASN A 612 4.46 -4.90 29.84
CA ASN A 612 4.54 -4.01 30.99
C ASN A 612 4.80 -2.60 30.48
N PHE A 613 3.77 -1.77 30.51
CA PHE A 613 3.84 -0.37 30.09
C PHE A 613 4.09 0.58 31.25
N HIS A 614 4.35 0.06 32.44
CA HIS A 614 4.60 0.94 33.57
C HIS A 614 5.96 1.61 33.44
N PRO A 615 6.09 2.88 33.86
CA PRO A 615 7.36 3.58 33.64
C PRO A 615 8.53 3.04 34.45
N ASN A 616 8.31 2.43 35.62
CA ASN A 616 9.43 2.11 36.48
C ASN A 616 9.27 0.83 37.31
N LYS A 617 8.04 0.41 37.57
CA LYS A 617 7.80 -0.68 38.50
C LYS A 617 8.08 -2.04 37.87
N THR A 618 8.85 -2.86 38.56
CA THR A 618 9.05 -4.27 38.20
C THR A 618 8.06 -5.14 38.96
N TYR A 619 7.50 -6.12 38.27
CA TYR A 619 6.54 -7.06 38.86
C TYR A 619 7.17 -8.44 38.88
N LYS A 620 7.67 -8.83 40.06
CA LYS A 620 8.25 -10.15 40.24
C LYS A 620 7.15 -11.17 40.50
N GLY A 621 7.27 -12.33 39.85
CA GLY A 621 6.30 -13.39 40.03
C GLY A 621 4.90 -13.04 39.61
N TYR A 622 4.75 -12.21 38.57
CA TYR A 622 3.44 -11.87 38.06
C TYR A 622 2.80 -13.11 37.44
N LYS A 623 1.56 -13.39 37.84
CA LYS A 623 0.86 -14.59 37.39
C LYS A 623 0.15 -14.32 36.07
N VAL A 624 0.37 -15.20 35.10
CA VAL A 624 -0.25 -15.10 33.79
C VAL A 624 -1.00 -16.40 33.50
N GLY A 625 -2.15 -16.28 32.85
CA GLY A 625 -2.97 -17.43 32.56
C GLY A 625 -2.55 -18.13 31.28
N CYS A 626 -2.88 -19.41 31.20
CA CYS A 626 -2.52 -20.25 30.07
C CYS A 626 -3.45 -21.46 30.03
N ASP A 627 -3.55 -22.04 28.85
CA ASP A 627 -4.44 -23.18 28.62
C ASP A 627 -3.84 -24.47 29.14
N LEU A 628 -2.92 -25.05 28.37
CA LEU A 628 -2.36 -26.35 28.70
C LEU A 628 -1.30 -26.21 29.80
N PRO A 629 -1.24 -27.15 30.74
CA PRO A 629 -0.20 -27.12 31.76
C PRO A 629 1.14 -27.54 31.18
N GLY A 630 2.20 -27.23 31.93
CA GLY A 630 3.52 -27.68 31.54
C GLY A 630 4.63 -26.67 31.73
N LYS A 631 5.52 -26.61 30.74
CA LYS A 631 6.77 -25.88 30.81
C LYS A 631 6.75 -24.75 29.77
N TYR A 632 6.81 -23.51 30.25
CA TYR A 632 6.79 -22.34 29.39
C TYR A 632 8.13 -21.62 29.43
N ARG A 633 8.54 -21.09 28.28
CA ARG A 633 9.83 -20.41 28.16
C ARG A 633 9.69 -19.20 27.25
N VAL A 634 10.72 -18.35 27.26
CA VAL A 634 10.70 -17.13 26.47
C VAL A 634 10.90 -17.46 25.00
N ALA A 635 9.99 -16.99 24.16
CA ALA A 635 10.17 -17.07 22.71
C ALA A 635 10.73 -15.76 22.16
N LEU A 636 10.32 -14.64 22.73
CA LEU A 636 10.84 -13.33 22.36
C LEU A 636 10.74 -12.39 23.56
N ASP A 637 11.85 -11.71 23.86
CA ASP A 637 11.92 -10.85 25.04
C ASP A 637 12.60 -9.54 24.63
N SER A 638 11.89 -8.43 24.78
CA SER A 638 12.42 -7.14 24.34
C SER A 638 13.53 -6.62 25.24
N ASP A 639 13.67 -7.18 26.44
CA ASP A 639 14.75 -6.76 27.34
C ASP A 639 16.06 -7.49 27.06
N ALA A 640 16.11 -8.35 26.05
CA ALA A 640 17.35 -9.03 25.70
C ALA A 640 18.43 -8.01 25.36
N LEU A 641 19.67 -8.34 25.71
CA LEU A 641 20.78 -7.42 25.50
C LEU A 641 20.96 -7.08 24.02
N VAL A 642 20.72 -8.05 23.15
CA VAL A 642 20.85 -7.82 21.70
C VAL A 642 19.75 -6.92 21.17
N PHE A 643 18.69 -6.68 21.94
CA PHE A 643 17.64 -5.74 21.57
C PHE A 643 17.76 -4.42 22.33
N GLY A 644 18.88 -4.17 23.00
CA GLY A 644 19.07 -2.93 23.72
C GLY A 644 18.49 -2.89 25.11
N GLY A 645 18.04 -4.02 25.64
CA GLY A 645 17.56 -4.09 27.00
C GLY A 645 18.69 -4.28 27.99
N HIS A 646 18.32 -4.69 29.21
CA HIS A 646 19.28 -4.92 30.27
C HIS A 646 19.47 -6.40 30.59
N GLY A 647 18.81 -7.29 29.87
CA GLY A 647 19.01 -8.71 30.06
C GLY A 647 18.56 -9.22 31.41
N ARG A 648 17.43 -8.72 31.91
CA ARG A 648 16.97 -9.07 33.25
C ARG A 648 16.15 -10.34 33.29
N VAL A 649 15.64 -10.81 32.15
CA VAL A 649 14.64 -11.88 32.14
C VAL A 649 15.30 -13.26 32.19
N GLY A 650 16.16 -13.55 31.21
CA GLY A 650 16.79 -14.86 31.16
C GLY A 650 15.98 -15.86 30.36
N HIS A 651 16.61 -16.50 29.38
CA HIS A 651 15.87 -17.24 28.35
C HIS A 651 15.70 -18.72 28.67
N ASP A 652 16.65 -19.33 29.37
CA ASP A 652 16.57 -20.75 29.68
C ASP A 652 15.76 -21.04 30.95
N VAL A 653 15.15 -20.01 31.54
CA VAL A 653 14.36 -20.20 32.75
C VAL A 653 13.09 -20.98 32.42
N ASP A 654 12.77 -21.95 33.26
CA ASP A 654 11.58 -22.77 33.09
C ASP A 654 10.45 -22.21 33.94
N HIS A 655 9.32 -21.93 33.31
CA HIS A 655 8.13 -21.42 33.99
C HIS A 655 7.11 -22.56 34.06
N PHE A 656 7.21 -23.35 35.12
CA PHE A 656 6.29 -24.46 35.31
C PHE A 656 4.91 -23.95 35.68
N THR A 657 3.89 -24.64 35.19
CA THR A 657 2.50 -24.25 35.42
C THR A 657 1.99 -24.82 36.73
N SER A 658 0.91 -24.21 37.24
CA SER A 658 0.23 -24.68 38.42
C SER A 658 -1.26 -24.52 38.13
N PRO A 659 -2.07 -25.54 38.40
CA PRO A 659 -3.52 -25.41 38.16
C PRO A 659 -4.13 -24.38 39.10
N GLU A 660 -5.21 -23.76 38.63
CA GLU A 660 -5.85 -22.69 39.38
C GLU A 660 -6.72 -23.26 40.50
N GLY A 661 -6.75 -22.54 41.63
CA GLY A 661 -7.66 -22.89 42.70
C GLY A 661 -7.11 -23.81 43.76
N MET A 662 -5.81 -23.80 44.02
CA MET A 662 -5.26 -24.60 45.09
C MET A 662 -5.35 -23.85 46.42
N ASN A 671 -10.48 -12.54 33.50
CA ASN A 671 -10.49 -13.66 32.56
C ASN A 671 -9.48 -14.72 33.00
N ASN A 672 -9.94 -15.65 33.83
CA ASN A 672 -9.07 -16.68 34.38
C ASN A 672 -9.06 -17.91 33.49
N ARG A 673 -7.88 -18.52 33.39
CA ARG A 673 -7.61 -19.64 32.50
C ARG A 673 -7.39 -20.93 33.30
N PRO A 674 -7.38 -22.09 32.64
CA PRO A 674 -7.19 -23.36 33.39
C PRO A 674 -5.92 -23.41 34.20
N ASN A 675 -4.79 -22.93 33.67
CA ASN A 675 -3.53 -22.96 34.40
C ASN A 675 -2.90 -21.58 34.40
N SER A 676 -1.80 -21.45 35.15
CA SER A 676 -1.09 -20.18 35.22
C SER A 676 0.39 -20.46 35.47
N PHE A 677 1.22 -19.47 35.15
CA PHE A 677 2.63 -19.53 35.54
C PHE A 677 3.10 -18.11 35.85
N LYS A 678 4.26 -18.02 36.49
CA LYS A 678 4.76 -16.76 37.02
C LYS A 678 5.95 -16.27 36.21
N VAL A 679 5.98 -14.96 35.97
CA VAL A 679 6.99 -14.34 35.13
C VAL A 679 7.60 -13.14 35.85
N LEU A 680 8.83 -12.81 35.46
CA LEU A 680 9.46 -11.54 35.84
C LEU A 680 9.20 -10.54 34.71
N SER A 681 8.61 -9.40 35.07
CA SER A 681 8.20 -8.40 34.08
C SER A 681 8.77 -7.04 34.45
N PRO A 682 9.94 -6.70 33.92
CA PRO A 682 10.52 -5.38 34.17
C PRO A 682 9.69 -4.29 33.50
N PRO A 683 9.83 -3.04 33.94
CA PRO A 683 9.01 -1.97 33.36
C PRO A 683 9.37 -1.70 31.91
N ARG A 684 8.35 -1.34 31.12
CA ARG A 684 8.48 -1.03 29.70
C ARG A 684 9.12 -2.19 28.94
N THR A 685 8.49 -3.36 29.05
CA THR A 685 9.05 -4.56 28.42
C THR A 685 7.93 -5.38 27.78
N CYS A 686 8.31 -6.19 26.79
N CYS A 686 8.34 -6.15 26.78
CA CYS A 686 7.34 -7.12 26.23
CA CYS A 686 7.51 -7.14 26.10
C CYS A 686 7.99 -8.48 26.03
C CYS A 686 8.18 -8.50 26.28
N VAL A 687 7.38 -9.51 26.61
CA VAL A 687 7.86 -10.89 26.55
C VAL A 687 6.75 -11.77 26.01
N ALA A 688 7.07 -12.57 24.99
CA ALA A 688 6.20 -13.63 24.53
C ALA A 688 6.74 -14.96 25.05
N TYR A 689 5.83 -15.82 25.52
CA TYR A 689 6.20 -17.12 26.07
C TYR A 689 5.51 -18.22 25.27
N TYR A 690 6.22 -19.33 25.08
CA TYR A 690 5.72 -20.49 24.37
C TYR A 690 5.80 -21.71 25.27
N ARG A 691 4.91 -22.67 25.01
CA ARG A 691 4.84 -23.91 25.76
C ARG A 691 5.82 -24.92 25.18
N VAL A 692 6.65 -25.51 26.04
CA VAL A 692 7.67 -26.46 25.60
C VAL A 692 7.01 -27.79 25.27
N ASP A 693 7.44 -28.39 24.17
CA ASP A 693 6.94 -29.69 23.75
C ASP A 693 7.73 -30.82 24.38
C1 GLC B . 6.16 21.79 5.10
C2 GLC B . 6.81 20.47 4.72
C3 GLC B . 6.76 19.51 5.92
C4 GLC B . 7.43 20.17 7.12
C5 GLC B . 6.74 21.52 7.41
C6 GLC B . 7.45 22.21 8.57
O1 GLC B . 4.78 21.57 5.41
O2 GLC B . 6.14 19.89 3.60
O3 GLC B . 7.44 18.31 5.59
O4 GLC B . 7.32 19.29 8.27
O5 GLC B . 6.81 22.35 6.25
O6 GLC B . 6.73 23.39 8.92
C1 GLC B . 7.75 19.56 9.61
C2 GLC B . 9.10 20.24 9.74
C3 GLC B . 9.44 20.37 11.22
C4 GLC B . 8.26 19.95 12.12
C5 GLC B . 7.90 18.50 11.74
C6 GLC B . 6.54 18.09 12.24
O2 GLC B . 10.10 19.46 9.10
O3 GLC B . 9.85 21.69 11.56
O4 GLC B . 8.75 20.03 13.45
O5 GLC B . 7.84 18.30 10.32
O6 GLC B . 6.24 16.79 11.75
C1 GLC B . 7.87 19.91 14.56
C2 GLC B . 7.42 21.19 15.25
C3 GLC B . 8.58 21.95 15.91
C4 GLC B . 9.64 21.03 16.54
C5 GLC B . 9.83 19.78 15.68
C6 GLC B . 10.85 18.79 16.24
O2 GLC B . 6.75 22.02 14.34
O3 GLC B . 8.05 22.80 16.90
O4 GLC B . 10.87 21.73 16.62
O5 GLC B . 8.60 19.19 15.47
O6 GLC B . 10.23 18.00 17.24
C1 GLC B . 11.31 21.88 17.99
C2 GLC B . 11.96 23.25 18.16
C3 GLC B . 13.19 23.35 17.26
C4 GLC B . 14.17 22.22 17.58
C5 GLC B . 13.44 20.88 17.57
C6 GLC B . 14.36 19.77 18.06
O2 GLC B . 11.04 24.26 17.82
O3 GLC B . 13.79 24.62 17.43
O4 GLC B . 15.21 22.17 16.63
O5 GLC B . 12.26 20.89 18.35
O6 GLC B . 14.29 18.67 17.18
C1 GLC B . 16.39 22.86 17.10
C2 GLC B . 16.90 23.74 15.97
C3 GLC B . 17.33 22.87 14.79
C4 GLC B . 18.31 21.78 15.24
C5 GLC B . 17.75 21.05 16.45
C6 GLC B . 18.74 20.00 16.97
O2 GLC B . 15.89 24.63 15.55
O3 GLC B . 17.88 23.69 13.78
O4 GLC B . 18.54 20.83 14.22
O5 GLC B . 17.41 21.96 17.48
O6 GLC B . 19.35 20.47 18.14
C1 GLC B . 19.67 21.18 13.40
C2 GLC B . 19.34 20.77 11.97
C3 GLC B . 19.23 19.26 11.85
C4 GLC B . 20.54 18.62 12.35
C5 GLC B . 20.87 19.12 13.75
C6 GLC B . 22.23 18.59 14.19
O2 GLC B . 18.10 21.34 11.60
O3 GLC B . 18.99 18.88 10.51
O4 GLC B . 20.41 17.20 12.37
O5 GLC B . 20.90 20.56 13.83
O6 GLC B . 22.29 18.55 15.60
C1 GLC B . 21.17 16.65 11.27
C2 GLC B . 20.41 15.45 10.72
C3 GLC B . 20.36 14.29 11.73
C4 GLC B . 21.76 13.97 12.23
C5 GLC B . 22.42 15.25 12.73
C6 GLC B . 23.83 14.97 13.24
O2 GLC B . 19.10 15.85 10.39
O3 GLC B . 19.74 13.18 11.13
O4 GLC B . 21.75 13.04 13.30
O5 GLC B . 22.46 16.22 11.70
O6 GLC B . 24.22 16.00 14.10
C1 GLC B . 21.90 11.68 12.80
C2 GLC B . 21.28 10.74 13.83
C3 GLC B . 22.15 10.56 15.09
C4 GLC B . 23.63 10.38 14.76
C5 GLC B . 24.07 11.42 13.73
C6 GLC B . 25.53 11.22 13.35
O2 GLC B . 20.02 11.23 14.21
O3 GLC B . 21.66 9.46 15.83
O4 GLC B . 24.43 10.51 15.91
O5 GLC B . 23.26 11.34 12.58
O6 GLC B . 25.71 9.92 12.83
C1 GLC B . 24.80 9.19 16.42
C2 GLC B . 24.99 9.29 17.94
C3 GLC B . 26.27 10.05 18.32
C4 GLC B . 27.46 9.43 17.59
C5 GLC B . 27.16 9.48 16.10
C6 GLC B . 28.33 8.97 15.25
O2 GLC B . 23.88 9.95 18.52
O3 GLC B . 26.41 10.02 19.72
O4 GLC B . 28.69 10.11 17.81
O5 GLC B . 26.00 8.71 15.82
O6 GLC B . 28.40 7.57 15.35
C1 GLC B . 29.35 9.77 19.07
C2 GLC B . 30.68 10.55 19.14
C3 GLC B . 31.72 10.02 18.16
C4 GLC B . 31.90 8.51 18.28
C5 GLC B . 30.55 7.80 18.30
C6 GLC B . 30.76 6.35 18.71
O2 GLC B . 30.44 11.91 18.89
O3 GLC B . 32.94 10.69 18.40
O4 GLC B . 32.65 7.99 17.19
O5 GLC B . 29.59 8.33 19.22
O6 GLC B . 29.51 5.75 18.93
C1 GLC B . 34.01 7.65 17.61
C2 GLC B . 34.95 7.93 16.43
C3 GLC B . 34.77 6.95 15.28
C4 GLC B . 34.79 5.51 15.77
C5 GLC B . 33.86 5.34 16.97
C6 GLC B . 33.99 3.92 17.53
O2 GLC B . 34.72 9.25 15.96
O3 GLC B . 35.80 7.15 14.34
O4 GLC B . 34.34 4.62 14.76
O5 GLC B . 34.16 6.29 17.99
O6 GLC B . 35.35 3.54 17.51
C1 GLC B . 35.44 4.01 14.05
C2 GLC B . 34.98 3.80 12.62
C3 GLC B . 33.85 2.78 12.61
C4 GLC B . 34.38 1.49 13.20
C5 GLC B . 34.84 1.77 14.62
C6 GLC B . 35.32 0.50 15.29
O2 GLC B . 34.51 5.02 12.07
O3 GLC B . 33.36 2.57 11.30
O4 GLC B . 33.41 0.47 13.17
O5 GLC B . 35.85 2.77 14.62
O6 GLC B . 34.31 -0.48 15.22
C1 GLC C . -20.29 10.89 -31.42
C2 GLC C . -18.92 10.98 -30.73
C3 GLC C . -18.57 9.70 -30.00
C4 GLC C . -19.70 9.42 -29.02
C5 GLC C . -21.06 9.42 -29.71
C6 GLC C . -21.92 10.50 -29.09
O1 GLC C . -20.19 11.05 -32.84
O2 GLC C . -17.86 11.29 -31.64
O3 GLC C . -17.34 9.86 -29.31
O4 GLC C . -19.50 8.12 -28.51
O5 GLC C . -20.95 9.66 -31.11
O6 GLC C . -21.68 10.52 -27.68
C1 GLC C . -19.90 7.85 -27.09
C2 GLC C . -18.60 7.50 -26.36
C3 GLC C . -18.20 6.04 -26.57
C4 GLC C . -19.37 5.09 -26.34
C5 GLC C . -20.63 5.59 -27.05
C6 GLC C . -21.82 4.71 -26.68
O2 GLC C . -17.57 8.34 -26.82
O3 GLC C . -17.16 5.75 -25.65
O4 GLC C . -19.05 3.79 -26.82
O5 GLC C . -20.89 6.92 -26.69
O6 GLC C . -21.78 4.45 -25.31
C1 GLC C . -18.58 3.00 -25.69
C2 GLC C . -17.35 2.17 -26.14
C3 GLC C . -17.74 1.10 -27.15
C4 GLC C . -18.86 0.23 -26.60
C5 GLC C . -20.02 1.10 -26.11
C6 GLC C . -21.07 0.27 -25.39
O2 GLC C . -16.39 3.03 -26.71
O3 GLC C . -16.62 0.30 -27.45
O4 GLC C . -19.27 -0.64 -27.63
O5 GLC C . -19.59 2.12 -25.19
O6 GLC C . -22.08 1.11 -24.88
C1 GLC C . -19.22 -2.00 -27.18
C2 GLC C . -18.32 -2.80 -28.13
C3 GLC C . -18.89 -2.82 -29.54
C4 GLC C . -20.39 -3.08 -29.55
C5 GLC C . -21.11 -2.27 -28.47
C6 GLC C . -22.60 -2.58 -28.43
O2 GLC C . -17.04 -2.23 -28.13
O3 GLC C . -18.23 -3.80 -30.30
O4 GLC C . -20.94 -2.76 -30.81
O5 GLC C . -20.51 -2.55 -27.22
O6 GLC C . -23.33 -1.37 -28.33
#